data_8OX0
#
_entry.id   8OX0
#
_cell.length_a   1.00
_cell.length_b   1.00
_cell.length_c   1.00
_cell.angle_alpha   90.00
_cell.angle_beta   90.00
_cell.angle_gamma   90.00
#
_symmetry.space_group_name_H-M   'P 1'
#
loop_
_entity.id
_entity.type
_entity.pdbx_description
1 polymer 'Histone H3.1'
2 polymer 'Histone H4'
3 polymer 'Histone H2A type 1-C'
4 polymer 'Histone H2B type 1-C/E/F/G/I'
5 polymer 'Telomeric DNA G strand'
6 polymer 'Telomeric DNA C strand'
7 water water
#
loop_
_entity_poly.entity_id
_entity_poly.type
_entity_poly.pdbx_seq_one_letter_code
_entity_poly.pdbx_strand_id
1 'polypeptide(L)'
;GPRGMARTKQTARKSTGGKAPRKQLATKAARKSAPATGGVKKPHRYRPGTVALREIRRYQKSTELLIRKLPFQRLVREIA
QDFKTDLRFQSSAVMALQEACEAYLVGLFEDTNLCAIHAKRVTIMPKDIQLARRIRGERA
;
A,E
2 'polypeptide(L)'
;GPRGMSGRGKGGKGLGKGGAKRHRKVLRDNIQGITKPAIRRLARRGGVKRISGLIYEETRGVLKVFLENVIRDAVTYTEH
AKRKTVTAMDVVYALKRQGRTLYGFGG
;
B,F
3 'polypeptide(L)'
;GPRGMSGRGKQGGKARAKAKSRSSRAGLQFPVGRVHRLLRKGNYAERVGAGAPVYLAAVLEYLTAEILELAGNAARDNKK
TRIIPRHLQLAIRNDEELNKLLGRVTIAQGGVLPNIQAVLLPKKTESHHKAKGK
;
C,G
4 'polypeptide(L)'
;GPRGMPEPAKSAPAPKKGSKKAVTKAQKKDGKKRKRSRKESYSVYVYKVLKQVHPDTGISSKAMGIMNSFVNDIFERIAG
EASRLAHYNKRSTITSREIQTAVRLLLPGELAKHAVSEGTKAVTKYTSSK
;
D,H
5 'polydeoxyribonucleotide'
;(DA)(DT)(DC)(DT)(DT)(DA)(DG)(DG)(DG)(DT)(DT)(DA)(DG)(DG)(DG)(DT)(DT)(DA)(DG)(DG)
(DG)(DT)(DT)(DA)(DG)(DG)(DG)(DT)(DT)(DA)(DG)(DG)(DG)(DT)(DT)(DA)(DG)(DG)(DG)(DT)
(DT)(DA)(DG)(DG)(DG)(DT)(DT)(DA)(DG)(DG)(DG)(DT)(DT)(DA)(DG)(DG)(DG)(DT)(DT)(DA)
(DG)(DG)(DG)(DT)(DT)(DA)(DG)(DG)(DG)(DT)(DT)(DA)(DG)(DG)(DG)(DT)(DT)(DA)(DG)(DG)
(DG)(DT)(DT)(DA)(DG)(DG)(DG)(DT)(DT)(DA)(DG)(DG)(DG)(DT)(DT)(DA)(DG)(DG)(DG)(DT)
(DT)(DA)(DG)(DG)(DG)(DT)(DT)(DA)(DG)(DG)(DG)(DT)(DT)(DA)(DG)(DG)(DG)(DT)(DT)(DA)
(DG)(DG)(DG)(DT)(DT)(DA)(DG)(DG)(DG)(DT)(DT)(DA)(DG)(DG)(DG)(DT)(DT)(DA)(DG)(DG)
(DG)(DT)(DG)(DA)(DT)
;
J
6 'polydeoxyribonucleotide'
;(DA)(DT)(DC)(DA)(DC)(DC)(DC)(DT)(DA)(DA)(DC)(DC)(DC)(DT)(DA)(DA)(DC)(DC)(DC)(DT)
(DA)(DA)(DC)(DC)(DC)(DT)(DA)(DA)(DC)(DC)(DC)(DT)(DA)(DA)(DC)(DC)(DC)(DT)(DA)(DA)
(DC)(DC)(DC)(DT)(DA)(DA)(DC)(DC)(DC)(DT)(DA)(DA)(DC)(DC)(DC)(DT)(DA)(DA)(DC)(DC)
(DC)(DT)(DA)(DA)(DC)(DC)(DC)(DT)(DA)(DA)(DC)(DC)(DC)(DT)(DA)(DA)(DC)(DC)(DC)(DT)
(DA)(DA)(DC)(DC)(DC)(DT)(DA)(DA)(DC)(DC)(DC)(DT)(DA)(DA)(DC)(DC)(DC)(DT)(DA)(DA)
(DC)(DC)(DC)(DT)(DA)(DA)(DC)(DC)(DC)(DT)(DA)(DA)(DC)(DC)(DC)(DT)(DA)(DA)(DC)(DC)
(DC)(DT)(DA)(DA)(DC)(DC)(DC)(DT)(DA)(DA)(DC)(DC)(DC)(DT)(DA)(DA)(DC)(DC)(DC)(DT)
(DA)(DA)(DG)(DA)(DT)
;
I
#
# COMPACT_ATOMS: atom_id res chain seq x y z
N LYS A 42 9.46 -42.82 39.07
CA LYS A 42 8.38 -41.98 38.51
C LYS A 42 8.35 -42.08 36.99
N PRO A 43 7.15 -41.98 36.39
CA PRO A 43 7.08 -41.99 34.93
C PRO A 43 7.76 -40.78 34.31
N HIS A 44 8.25 -40.94 33.09
CA HIS A 44 9.00 -39.89 32.41
C HIS A 44 8.16 -38.63 32.24
N ARG A 45 8.79 -37.49 32.49
CA ARG A 45 8.11 -36.20 32.39
C ARG A 45 9.06 -35.15 31.84
N TYR A 46 8.65 -34.47 30.77
CA TYR A 46 9.44 -33.40 30.20
C TYR A 46 9.27 -32.11 30.99
N ARG A 47 10.33 -31.33 31.07
CA ARG A 47 10.28 -30.07 31.80
C ARG A 47 9.56 -29.00 30.98
N PRO A 48 8.92 -28.03 31.63
CA PRO A 48 8.17 -27.01 30.90
C PRO A 48 9.00 -26.32 29.82
N GLY A 49 8.43 -26.22 28.61
CA GLY A 49 9.08 -25.58 27.48
C GLY A 49 9.72 -26.54 26.48
N THR A 50 9.98 -27.77 26.89
CA THR A 50 10.59 -28.74 26.00
C THR A 50 9.62 -29.13 24.88
N VAL A 51 8.40 -29.48 25.27
CA VAL A 51 7.37 -29.82 24.28
C VAL A 51 6.98 -28.59 23.46
N ALA A 52 7.04 -27.41 24.06
CA ALA A 52 6.77 -26.17 23.33
C ALA A 52 7.77 -25.95 22.20
N LEU A 53 9.06 -26.16 22.49
CA LEU A 53 10.09 -26.05 21.45
C LEU A 53 9.93 -27.10 20.37
N ARG A 54 9.61 -28.32 20.80
CA ARG A 54 9.38 -29.39 19.85
C ARG A 54 8.23 -29.05 18.91
N GLU A 55 7.15 -28.50 19.46
CA GLU A 55 5.99 -28.11 18.67
C GLU A 55 6.30 -26.94 17.73
N ILE A 56 7.12 -26.01 18.20
CA ILE A 56 7.53 -24.90 17.35
C ILE A 56 8.24 -25.45 16.10
N ARG A 57 9.19 -26.35 16.32
CA ARG A 57 9.89 -26.93 15.19
C ARG A 57 8.94 -27.70 14.25
N ARG A 58 8.08 -28.50 14.84
CA ARG A 58 7.16 -29.31 14.05
C ARG A 58 6.27 -28.44 13.16
N TYR A 59 5.68 -27.40 13.73
CA TYR A 59 4.73 -26.60 12.98
C TYR A 59 5.37 -25.56 12.09
N GLN A 60 6.64 -25.23 12.31
CA GLN A 60 7.36 -24.43 11.34
C GLN A 60 7.88 -25.27 10.16
N LYS A 61 8.02 -26.57 10.35
CA LYS A 61 8.41 -27.44 9.26
C LYS A 61 7.26 -27.70 8.27
N SER A 62 6.01 -27.67 8.75
CA SER A 62 4.86 -28.10 7.96
C SER A 62 4.18 -26.96 7.22
N THR A 63 3.16 -27.30 6.44
CA THR A 63 2.41 -26.31 5.66
C THR A 63 0.88 -26.42 5.73
N GLU A 64 0.33 -27.47 6.34
CA GLU A 64 -1.10 -27.63 6.38
C GLU A 64 -1.80 -26.58 7.23
N LEU A 65 -3.12 -26.50 7.07
CA LEU A 65 -3.92 -25.55 7.83
C LEU A 65 -4.07 -26.01 9.28
N LEU A 66 -4.12 -25.03 10.19
CA LEU A 66 -4.13 -25.29 11.62
C LEU A 66 -5.50 -25.12 12.28
N ILE A 67 -6.47 -24.54 11.55
CA ILE A 67 -7.83 -24.41 12.04
C ILE A 67 -8.68 -25.47 11.34
N ARG A 68 -9.61 -26.06 12.08
CA ARG A 68 -10.51 -27.05 11.51
C ARG A 68 -11.38 -26.41 10.43
N LYS A 69 -11.62 -27.15 9.35
CA LYS A 69 -12.29 -26.61 8.17
C LYS A 69 -13.77 -26.31 8.41
N LEU A 70 -14.48 -27.26 9.03
CA LEU A 70 -15.90 -27.09 9.26
C LEU A 70 -16.26 -25.90 10.18
N PRO A 71 -15.61 -25.77 11.35
CA PRO A 71 -15.90 -24.60 12.16
C PRO A 71 -15.56 -23.27 11.48
N PHE A 72 -14.47 -23.24 10.72
CA PHE A 72 -14.11 -22.03 10.00
C PHE A 72 -15.16 -21.68 8.95
N GLN A 73 -15.65 -22.68 8.24
CA GLN A 73 -16.68 -22.46 7.25
C GLN A 73 -17.97 -21.93 7.89
N ARG A 74 -18.35 -22.49 9.03
CA ARG A 74 -19.53 -22.02 9.75
C ARG A 74 -19.36 -20.57 10.18
N LEU A 75 -18.17 -20.23 10.67
CA LEU A 75 -17.91 -18.85 11.08
C LEU A 75 -17.99 -17.90 9.88
N VAL A 76 -17.43 -18.31 8.75
CA VAL A 76 -17.48 -17.50 7.55
C VAL A 76 -18.92 -17.24 7.11
N ARG A 77 -19.73 -18.29 7.07
CA ARG A 77 -21.13 -18.15 6.68
C ARG A 77 -21.91 -17.27 7.65
N GLU A 78 -21.66 -17.43 8.95
CA GLU A 78 -22.32 -16.60 9.96
C GLU A 78 -21.97 -15.13 9.78
N ILE A 79 -20.70 -14.83 9.56
CA ILE A 79 -20.27 -13.46 9.40
C ILE A 79 -20.90 -12.87 8.14
N ALA A 80 -20.92 -13.64 7.06
CA ALA A 80 -21.44 -13.17 5.78
C ALA A 80 -22.95 -12.98 5.81
N GLN A 81 -23.66 -13.66 6.71
CA GLN A 81 -25.12 -13.64 6.68
C GLN A 81 -25.73 -12.29 6.96
N ASP A 82 -24.99 -11.36 7.56
CA ASP A 82 -25.53 -10.03 7.82
C ASP A 82 -25.25 -9.01 6.73
N PHE A 83 -24.22 -9.22 5.93
CA PHE A 83 -24.00 -8.37 4.75
C PHE A 83 -25.05 -8.65 3.68
N LYS A 84 -25.44 -9.91 3.53
CA LYS A 84 -26.47 -10.29 2.57
C LYS A 84 -27.00 -11.66 2.94
N THR A 85 -28.31 -11.83 2.86
CA THR A 85 -28.94 -13.10 3.21
C THR A 85 -28.95 -14.05 2.02
N ASP A 86 -28.88 -15.34 2.32
CA ASP A 86 -28.90 -16.41 1.31
C ASP A 86 -27.77 -16.28 0.30
N LEU A 87 -26.54 -16.25 0.82
CA LEU A 87 -25.35 -16.29 -0.02
C LEU A 87 -24.93 -17.72 -0.23
N ARG A 88 -24.25 -17.94 -1.35
CA ARG A 88 -23.59 -19.19 -1.63
C ARG A 88 -22.09 -18.94 -1.74
N PHE A 89 -21.31 -19.97 -1.43
CA PHE A 89 -19.86 -19.91 -1.48
C PHE A 89 -19.32 -21.08 -2.28
N GLN A 90 -18.35 -20.82 -3.14
CA GLN A 90 -17.54 -21.88 -3.70
C GLN A 90 -16.61 -22.41 -2.60
N SER A 91 -16.17 -23.65 -2.78
CA SER A 91 -15.20 -24.26 -1.87
C SER A 91 -13.86 -23.49 -1.89
N SER A 92 -13.44 -23.08 -3.07
CA SER A 92 -12.19 -22.34 -3.21
C SER A 92 -12.24 -20.99 -2.52
N ALA A 93 -13.40 -20.35 -2.47
CA ALA A 93 -13.54 -19.07 -1.76
C ALA A 93 -13.27 -19.25 -0.27
N VAL A 94 -13.84 -20.29 0.30
CA VAL A 94 -13.64 -20.57 1.73
C VAL A 94 -12.19 -20.96 2.01
N MET A 95 -11.60 -21.72 1.10
CA MET A 95 -10.19 -22.08 1.25
C MET A 95 -9.26 -20.87 1.18
N ALA A 96 -9.57 -19.96 0.26
CA ALA A 96 -8.78 -18.73 0.13
C ALA A 96 -8.88 -17.90 1.40
N LEU A 97 -10.09 -17.78 1.93
CA LEU A 97 -10.27 -17.04 3.18
C LEU A 97 -9.46 -17.67 4.30
N GLN A 98 -9.50 -19.00 4.40
CA GLN A 98 -8.77 -19.69 5.48
C GLN A 98 -7.26 -19.47 5.36
N GLU A 99 -6.73 -19.58 4.15
CA GLU A 99 -5.31 -19.32 3.92
C GLU A 99 -4.91 -17.90 4.36
N ALA A 100 -5.68 -16.93 3.92
CA ALA A 100 -5.39 -15.55 4.26
C ALA A 100 -5.45 -15.29 5.77
N CYS A 101 -6.49 -15.81 6.42
CA CYS A 101 -6.65 -15.62 7.87
C CYS A 101 -5.51 -16.24 8.67
N GLU A 102 -5.12 -17.44 8.29
CA GLU A 102 -4.05 -18.11 9.01
C GLU A 102 -2.71 -17.41 8.81
N ALA A 103 -2.43 -16.96 7.59
CA ALA A 103 -1.20 -16.22 7.34
C ALA A 103 -1.17 -14.92 8.15
N TYR A 104 -2.29 -14.22 8.21
CA TYR A 104 -2.39 -13.00 8.98
C TYR A 104 -2.10 -13.25 10.46
N LEU A 105 -2.70 -14.30 11.00
CA LEU A 105 -2.53 -14.59 12.41
C LEU A 105 -1.09 -14.97 12.74
N VAL A 106 -0.46 -15.73 11.85
CA VAL A 106 0.91 -16.15 12.10
C VAL A 106 1.88 -14.93 12.09
N GLY A 107 1.68 -14.03 11.14
CA GLY A 107 2.44 -12.80 11.11
C GLY A 107 2.26 -11.98 12.38
N LEU A 108 1.01 -11.84 12.80
CA LEU A 108 0.72 -11.09 14.03
C LEU A 108 1.38 -11.73 15.25
N PHE A 109 1.42 -13.07 15.28
CA PHE A 109 2.07 -13.74 16.38
C PHE A 109 3.58 -13.56 16.41
N GLU A 110 4.21 -13.47 15.24
CA GLU A 110 5.64 -13.15 15.18
C GLU A 110 5.92 -11.74 15.74
N ASP A 111 5.11 -10.77 15.35
CA ASP A 111 5.27 -9.42 15.87
C ASP A 111 4.99 -9.34 17.37
N THR A 112 3.98 -10.07 17.82
CA THR A 112 3.65 -10.12 19.24
C THR A 112 4.79 -10.74 20.04
N ASN A 113 5.42 -11.77 19.49
CA ASN A 113 6.55 -12.39 20.15
C ASN A 113 7.72 -11.40 20.30
N LEU A 114 7.98 -10.62 19.26
CA LEU A 114 9.02 -9.60 19.34
C LEU A 114 8.71 -8.56 20.42
N CYS A 115 7.45 -8.13 20.49
CA CYS A 115 7.04 -7.16 21.52
C CYS A 115 7.19 -7.75 22.92
N ALA A 116 6.85 -9.02 23.09
CA ALA A 116 6.99 -9.67 24.39
C ALA A 116 8.45 -9.78 24.82
N ILE A 117 9.33 -10.12 23.89
CA ILE A 117 10.76 -10.21 24.20
C ILE A 117 11.35 -8.82 24.51
N HIS A 118 10.82 -7.79 23.87
CA HIS A 118 11.26 -6.42 24.17
C HIS A 118 11.10 -6.05 25.63
N ALA A 119 10.05 -6.56 26.27
CA ALA A 119 9.75 -6.28 27.67
C ALA A 119 10.37 -7.31 28.61
N LYS A 120 11.38 -8.04 28.15
CA LYS A 120 12.07 -9.05 28.96
C LYS A 120 11.14 -10.12 29.52
N ARG A 121 10.21 -10.59 28.70
CA ARG A 121 9.35 -11.72 29.02
C ARG A 121 9.50 -12.76 27.92
N VAL A 122 9.01 -13.98 28.17
CA VAL A 122 8.84 -14.97 27.13
C VAL A 122 7.38 -15.35 26.87
N THR A 123 6.48 -14.90 27.74
CA THR A 123 5.05 -15.13 27.64
C THR A 123 4.40 -13.96 26.92
N ILE A 124 3.63 -14.24 25.88
CA ILE A 124 2.91 -13.18 25.17
C ILE A 124 1.63 -12.84 25.93
N MET A 125 1.27 -11.56 25.92
CA MET A 125 0.10 -11.06 26.63
C MET A 125 -0.69 -10.15 25.70
N PRO A 126 -1.95 -9.84 26.05
CA PRO A 126 -2.78 -9.04 25.15
C PRO A 126 -2.20 -7.67 24.82
N LYS A 127 -1.50 -7.07 25.76
CA LYS A 127 -0.82 -5.80 25.51
C LYS A 127 0.22 -5.88 24.39
N ASP A 128 0.87 -7.03 24.26
CA ASP A 128 1.78 -7.24 23.16
C ASP A 128 1.07 -7.23 21.80
N ILE A 129 -0.09 -7.88 21.74
CA ILE A 129 -0.90 -7.87 20.52
C ILE A 129 -1.35 -6.46 20.19
N GLN A 130 -1.76 -5.73 21.21
CA GLN A 130 -2.26 -4.37 21.00
C GLN A 130 -1.14 -3.44 20.52
N LEU A 131 0.06 -3.59 21.09
CA LEU A 131 1.18 -2.78 20.65
C LEU A 131 1.55 -3.10 19.19
N ALA A 132 1.58 -4.39 18.86
CA ALA A 132 1.91 -4.78 17.50
C ALA A 132 0.90 -4.24 16.50
N ARG A 133 -0.37 -4.31 16.85
CA ARG A 133 -1.42 -3.79 15.96
C ARG A 133 -1.41 -2.27 15.84
N ARG A 134 -1.06 -1.56 16.92
CA ARG A 134 -0.95 -0.11 16.85
C ARG A 134 0.21 0.32 15.95
N ILE A 135 1.34 -0.35 16.09
CA ILE A 135 2.50 0.03 15.31
C ILE A 135 2.32 -0.35 13.83
N ARG A 136 1.73 -1.52 13.59
CA ARG A 136 1.42 -1.94 12.23
C ARG A 136 0.55 -0.94 11.47
N GLY A 137 -0.29 -0.20 12.19
CA GLY A 137 -1.23 0.72 11.58
C GLY A 137 -2.66 0.25 11.57
N GLU A 138 -2.95 -0.83 12.27
CA GLU A 138 -4.32 -1.33 12.41
C GLU A 138 -5.05 -0.64 13.57
N ARG A 139 -4.31 0.13 14.38
CA ARG A 139 -4.86 0.97 15.45
C ARG A 139 -5.68 0.14 16.45
N ALA A 140 -4.98 -0.74 17.14
CA ALA A 140 -5.57 -1.54 18.20
C ALA A 140 -4.55 -1.86 19.28
N ALA B 20 -39.96 -28.68 -3.24
CA ALA B 20 -40.46 -27.29 -3.44
C ALA B 20 -39.29 -26.29 -3.34
N LYS B 21 -39.18 -25.57 -2.24
CA LYS B 21 -38.16 -24.57 -2.05
C LYS B 21 -37.28 -24.95 -0.87
N ARG B 22 -35.98 -24.76 -1.03
CA ARG B 22 -34.99 -25.13 -0.02
C ARG B 22 -34.70 -23.90 0.81
N HIS B 23 -35.31 -23.84 2.00
CA HIS B 23 -35.11 -22.70 2.90
C HIS B 23 -33.78 -22.83 3.64
N ARG B 24 -33.34 -21.72 4.24
CA ARG B 24 -32.08 -21.66 4.96
C ARG B 24 -32.29 -21.74 6.49
N LYS B 25 -31.20 -21.79 7.26
CA LYS B 25 -31.25 -21.63 8.69
C LYS B 25 -30.15 -20.70 9.17
N VAL B 26 -30.38 -20.04 10.30
CA VAL B 26 -29.43 -19.09 10.87
C VAL B 26 -28.32 -19.79 11.67
N LEU B 27 -27.22 -19.07 11.89
CA LEU B 27 -26.06 -19.60 12.61
C LEU B 27 -25.75 -18.72 13.82
N ARG B 28 -25.42 -19.35 14.95
CA ARG B 28 -25.17 -18.64 16.20
C ARG B 28 -23.91 -19.16 16.87
N ASP B 29 -23.06 -18.23 17.33
CA ASP B 29 -21.93 -18.52 18.22
C ASP B 29 -20.95 -19.54 17.63
N ASN B 30 -20.40 -19.19 16.47
CA ASN B 30 -19.40 -20.04 15.82
C ASN B 30 -17.98 -19.57 16.00
N ILE B 31 -17.79 -18.39 16.59
CA ILE B 31 -16.46 -17.90 16.92
C ILE B 31 -15.75 -18.80 17.93
N GLN B 32 -16.53 -19.48 18.77
CA GLN B 32 -15.99 -20.48 19.69
C GLN B 32 -15.49 -21.75 19.00
N GLY B 33 -15.81 -21.92 17.72
CA GLY B 33 -15.25 -22.99 16.92
C GLY B 33 -13.76 -22.85 16.66
N ILE B 34 -13.22 -21.65 16.77
CA ILE B 34 -11.78 -21.42 16.72
C ILE B 34 -11.27 -21.70 18.13
N THR B 35 -10.79 -22.92 18.34
CA THR B 35 -10.54 -23.41 19.69
C THR B 35 -9.19 -22.98 20.23
N LYS B 36 -8.97 -23.27 21.51
CA LYS B 36 -7.70 -23.00 22.16
C LYS B 36 -6.52 -23.75 21.53
N PRO B 37 -6.67 -25.06 21.23
CA PRO B 37 -5.57 -25.74 20.53
C PRO B 37 -5.19 -25.14 19.18
N ALA B 38 -6.17 -24.67 18.42
CA ALA B 38 -5.89 -24.08 17.12
C ALA B 38 -5.07 -22.79 17.26
N ILE B 39 -5.43 -21.97 18.24
CA ILE B 39 -4.71 -20.74 18.47
C ILE B 39 -3.30 -21.03 18.97
N ARG B 40 -3.16 -22.08 19.79
CA ARG B 40 -1.84 -22.50 20.22
C ARG B 40 -0.98 -22.92 19.04
N ARG B 41 -1.53 -23.69 18.12
CA ARG B 41 -0.79 -24.11 16.93
C ARG B 41 -0.38 -22.92 16.07
N LEU B 42 -1.29 -21.97 15.89
CA LEU B 42 -0.98 -20.77 15.12
C LEU B 42 0.15 -19.99 15.76
N ALA B 43 0.16 -19.91 17.09
CA ALA B 43 1.26 -19.24 17.80
C ALA B 43 2.55 -20.03 17.68
N ARG B 44 2.47 -21.35 17.73
CA ARG B 44 3.67 -22.16 17.57
C ARG B 44 4.33 -21.97 16.21
N ARG B 45 3.54 -21.91 15.14
CA ARG B 45 4.12 -21.61 13.83
C ARG B 45 4.73 -20.19 13.81
N GLY B 46 4.20 -19.30 14.64
CA GLY B 46 4.76 -17.97 14.79
C GLY B 46 5.96 -17.89 15.72
N GLY B 47 6.38 -19.03 16.28
CA GLY B 47 7.56 -19.08 17.14
C GLY B 47 7.34 -18.74 18.60
N VAL B 48 6.10 -18.79 19.07
CA VAL B 48 5.77 -18.43 20.43
C VAL B 48 5.92 -19.64 21.36
N LYS B 49 6.66 -19.47 22.44
CA LYS B 49 6.97 -20.56 23.37
C LYS B 49 5.97 -20.67 24.53
N ARG B 50 5.60 -19.54 25.13
CA ARG B 50 4.70 -19.53 26.29
C ARG B 50 3.56 -18.56 26.06
N ILE B 51 2.34 -18.95 26.43
CA ILE B 51 1.13 -18.21 26.06
C ILE B 51 0.32 -17.91 27.30
N SER B 52 -0.11 -16.65 27.44
CA SER B 52 -0.99 -16.23 28.53
C SER B 52 -2.41 -16.70 28.27
N GLY B 53 -3.16 -16.84 29.36
CA GLY B 53 -4.51 -17.36 29.28
C GLY B 53 -5.52 -16.41 28.67
N LEU B 54 -5.24 -15.11 28.74
CA LEU B 54 -6.14 -14.10 28.18
C LEU B 54 -5.93 -13.84 26.70
N ILE B 55 -4.98 -14.51 26.07
CA ILE B 55 -4.70 -14.31 24.66
C ILE B 55 -5.87 -14.75 23.80
N TYR B 56 -6.45 -15.90 24.13
CA TYR B 56 -7.39 -16.56 23.23
C TYR B 56 -8.56 -15.64 22.85
N GLU B 57 -9.23 -15.10 23.86
CA GLU B 57 -10.28 -14.13 23.60
C GLU B 57 -9.80 -13.00 22.70
N GLU B 58 -8.68 -12.40 23.08
CA GLU B 58 -8.10 -11.34 22.28
C GLU B 58 -7.99 -11.80 20.82
N THR B 59 -7.36 -12.94 20.61
CA THR B 59 -7.15 -13.44 19.28
C THR B 59 -8.46 -13.53 18.49
N ARG B 60 -9.47 -14.11 19.11
CA ARG B 60 -10.76 -14.26 18.42
C ARG B 60 -11.26 -12.90 17.91
N GLY B 61 -11.27 -11.90 18.78
CA GLY B 61 -11.64 -10.56 18.38
C GLY B 61 -10.90 -10.12 17.13
N VAL B 62 -9.58 -10.21 17.18
CA VAL B 62 -8.74 -9.81 16.06
C VAL B 62 -9.21 -10.52 14.80
N LEU B 63 -9.30 -11.85 14.88
CA LEU B 63 -9.70 -12.61 13.71
C LEU B 63 -11.02 -12.10 13.17
N LYS B 64 -12.01 -11.97 14.05
CA LYS B 64 -13.32 -11.55 13.60
C LYS B 64 -13.23 -10.27 12.76
N VAL B 65 -12.54 -9.26 13.30
CA VAL B 65 -12.41 -8.00 12.60
C VAL B 65 -11.88 -8.25 11.19
N PHE B 66 -10.74 -8.92 11.11
CA PHE B 66 -10.11 -9.21 9.82
C PHE B 66 -11.16 -9.81 8.88
N LEU B 67 -11.78 -10.89 9.31
CA LEU B 67 -12.73 -11.59 8.47
C LEU B 67 -13.79 -10.63 7.93
N GLU B 68 -14.41 -9.91 8.84
CA GLU B 68 -15.52 -9.03 8.44
C GLU B 68 -15.09 -8.14 7.28
N ASN B 69 -13.97 -7.45 7.45
CA ASN B 69 -13.52 -6.53 6.41
C ASN B 69 -13.42 -7.23 5.08
N VAL B 70 -12.67 -8.31 5.02
CA VAL B 70 -12.47 -9.03 3.77
C VAL B 70 -13.82 -9.42 3.21
N ILE B 71 -14.64 -10.06 4.04
CA ILE B 71 -15.89 -10.60 3.53
C ILE B 71 -16.74 -9.47 2.96
N ARG B 72 -16.82 -8.35 3.67
CA ARG B 72 -17.59 -7.21 3.16
C ARG B 72 -17.16 -6.88 1.75
N ASP B 73 -15.88 -6.64 1.55
CA ASP B 73 -15.39 -6.30 0.21
C ASP B 73 -15.74 -7.37 -0.80
N ALA B 74 -15.54 -8.63 -0.43
CA ALA B 74 -15.85 -9.73 -1.33
C ALA B 74 -17.31 -9.66 -1.74
N VAL B 75 -18.19 -9.49 -0.76
CA VAL B 75 -19.61 -9.47 -1.06
C VAL B 75 -19.94 -8.31 -1.99
N THR B 76 -19.30 -7.17 -1.77
CA THR B 76 -19.47 -6.03 -2.67
C THR B 76 -19.19 -6.43 -4.11
N TYR B 77 -18.03 -7.04 -4.34
CA TYR B 77 -17.69 -7.53 -5.68
C TYR B 77 -18.78 -8.45 -6.22
N THR B 78 -19.21 -9.39 -5.38
CA THR B 78 -20.22 -10.35 -5.80
C THR B 78 -21.53 -9.66 -6.16
N GLU B 79 -21.87 -8.59 -5.45
CA GLU B 79 -23.11 -7.90 -5.74
C GLU B 79 -23.01 -7.10 -7.02
N HIS B 80 -21.81 -6.62 -7.35
CA HIS B 80 -21.66 -5.81 -8.55
C HIS B 80 -21.87 -6.62 -9.81
N ALA B 81 -21.46 -7.89 -9.80
CA ALA B 81 -21.64 -8.78 -10.93
C ALA B 81 -23.04 -9.40 -10.98
N LYS B 82 -23.88 -9.10 -10.01
CA LYS B 82 -25.23 -9.66 -9.94
C LYS B 82 -25.21 -11.17 -9.82
N ARG B 83 -24.34 -11.67 -8.93
CA ARG B 83 -24.24 -13.09 -8.62
C ARG B 83 -24.64 -13.31 -7.16
N LYS B 84 -25.12 -14.50 -6.87
CA LYS B 84 -25.45 -14.91 -5.50
C LYS B 84 -24.37 -15.77 -4.87
N THR B 85 -23.31 -16.09 -5.61
CA THR B 85 -22.27 -16.97 -5.14
C THR B 85 -20.97 -16.21 -5.06
N VAL B 86 -20.30 -16.30 -3.92
CA VAL B 86 -18.99 -15.68 -3.73
C VAL B 86 -17.92 -16.63 -4.24
N THR B 87 -17.16 -16.19 -5.24
CA THR B 87 -16.11 -17.00 -5.85
C THR B 87 -14.75 -16.70 -5.23
N ALA B 88 -13.77 -17.50 -5.60
CA ALA B 88 -12.41 -17.29 -5.14
C ALA B 88 -11.81 -15.98 -5.65
N MET B 89 -12.17 -15.57 -6.86
CA MET B 89 -11.65 -14.32 -7.40
C MET B 89 -12.15 -13.08 -6.66
N ASP B 90 -13.39 -13.13 -6.17
CA ASP B 90 -13.90 -12.04 -5.33
C ASP B 90 -13.05 -11.87 -4.08
N VAL B 91 -12.70 -12.99 -3.45
CA VAL B 91 -11.85 -12.98 -2.27
C VAL B 91 -10.45 -12.46 -2.64
N VAL B 92 -9.94 -12.90 -3.79
CA VAL B 92 -8.62 -12.46 -4.21
C VAL B 92 -8.56 -10.94 -4.43
N TYR B 93 -9.57 -10.40 -5.10
CA TYR B 93 -9.64 -8.95 -5.31
C TYR B 93 -9.79 -8.19 -4.00
N ALA B 94 -10.64 -8.71 -3.11
CA ALA B 94 -10.84 -8.06 -1.82
C ALA B 94 -9.56 -8.00 -1.01
N LEU B 95 -8.82 -9.11 -1.01
CA LEU B 95 -7.54 -9.14 -0.30
C LEU B 95 -6.52 -8.22 -0.97
N LYS B 96 -6.45 -8.24 -2.30
CA LYS B 96 -5.49 -7.40 -3.02
C LYS B 96 -5.69 -5.92 -2.73
N ARG B 97 -6.94 -5.47 -2.66
CA ARG B 97 -7.19 -4.07 -2.40
C ARG B 97 -6.99 -3.66 -0.93
N GLN B 98 -6.66 -4.61 -0.07
CA GLN B 98 -6.26 -4.32 1.30
C GLN B 98 -4.77 -4.46 1.55
N GLY B 99 -3.98 -4.65 0.50
CA GLY B 99 -2.55 -4.81 0.61
C GLY B 99 -2.09 -6.18 1.07
N ARG B 100 -2.92 -7.20 0.84
CA ARG B 100 -2.55 -8.57 1.15
C ARG B 100 -2.79 -9.45 -0.07
N THR B 101 -1.86 -9.43 -1.01
CA THR B 101 -1.98 -10.23 -2.23
C THR B 101 -1.81 -11.72 -1.92
N LEU B 102 -2.62 -12.53 -2.59
CA LEU B 102 -2.64 -13.97 -2.39
C LEU B 102 -2.37 -14.68 -3.72
N TYR B 103 -1.34 -15.53 -3.74
CA TYR B 103 -1.06 -16.37 -4.91
C TYR B 103 -1.62 -17.77 -4.73
N GLY B 104 -2.12 -18.35 -5.82
CA GLY B 104 -2.53 -19.74 -5.83
C GLY B 104 -4.00 -20.00 -5.94
N PHE B 105 -4.83 -18.97 -6.12
CA PHE B 105 -6.27 -19.15 -6.32
C PHE B 105 -6.77 -18.45 -7.57
N GLY B 106 -5.87 -18.12 -8.49
CA GLY B 106 -6.20 -17.34 -9.68
C GLY B 106 -5.62 -15.94 -9.59
N GLY B 107 -5.95 -15.14 -10.61
CA GLY B 107 -5.42 -13.79 -10.71
C GLY B 107 -3.94 -13.80 -11.05
N ALA C 15 -33.12 28.58 -33.57
CA ALA C 15 -32.56 27.26 -34.04
C ALA C 15 -31.95 26.47 -32.89
N ARG C 16 -31.11 27.12 -32.09
CA ARG C 16 -30.42 26.47 -30.98
C ARG C 16 -30.90 27.05 -29.65
N ALA C 17 -31.21 26.16 -28.71
CA ALA C 17 -31.60 26.58 -27.36
C ALA C 17 -30.41 27.10 -26.59
N LYS C 18 -30.68 27.96 -25.61
CA LYS C 18 -29.63 28.49 -24.75
C LYS C 18 -29.01 27.37 -23.90
N ALA C 19 -27.69 27.41 -23.80
CA ALA C 19 -26.94 26.35 -23.13
C ALA C 19 -27.17 26.35 -21.61
N LYS C 20 -27.28 25.15 -21.05
CA LYS C 20 -27.30 24.95 -19.60
C LYS C 20 -26.12 24.05 -19.25
N SER C 21 -25.34 24.44 -18.24
CA SER C 21 -24.25 23.58 -17.78
C SER C 21 -24.82 22.31 -17.19
N ARG C 22 -24.13 21.20 -17.42
CA ARG C 22 -24.51 19.94 -16.81
C ARG C 22 -24.38 19.94 -15.29
N SER C 23 -23.58 20.84 -14.74
CA SER C 23 -23.53 21.03 -13.29
C SER C 23 -24.82 21.62 -12.74
N SER C 24 -25.43 22.54 -13.49
CA SER C 24 -26.68 23.15 -13.05
C SER C 24 -27.84 22.17 -13.10
N ARG C 25 -27.85 21.30 -14.10
CA ARG C 25 -28.90 20.29 -14.22
C ARG C 25 -28.87 19.31 -13.05
N ALA C 26 -27.66 18.95 -12.61
CA ALA C 26 -27.49 18.05 -11.47
C ALA C 26 -27.55 18.78 -10.13
N GLY C 27 -27.61 20.11 -10.14
CA GLY C 27 -27.60 20.87 -8.91
C GLY C 27 -26.28 20.78 -8.17
N LEU C 28 -25.17 20.95 -8.89
CA LEU C 28 -23.84 20.84 -8.32
C LEU C 28 -23.03 22.10 -8.53
N GLN C 29 -22.01 22.29 -7.69
CA GLN C 29 -21.00 23.33 -7.90
C GLN C 29 -19.77 22.81 -8.64
N PHE C 30 -19.48 21.51 -8.55
CA PHE C 30 -18.31 20.92 -9.21
C PHE C 30 -18.57 20.67 -10.70
N PRO C 31 -17.52 20.74 -11.53
CA PRO C 31 -17.72 20.74 -12.99
C PRO C 31 -17.96 19.37 -13.59
N VAL C 32 -19.17 19.13 -14.08
CA VAL C 32 -19.49 17.83 -14.68
C VAL C 32 -18.76 17.65 -16.01
N GLY C 33 -18.67 18.70 -16.80
CA GLY C 33 -17.97 18.63 -18.07
C GLY C 33 -16.48 18.32 -17.95
N ARG C 34 -15.82 18.99 -17.03
CA ARG C 34 -14.40 18.75 -16.80
C ARG C 34 -14.14 17.35 -16.28
N VAL C 35 -14.98 16.89 -15.37
CA VAL C 35 -14.87 15.53 -14.84
C VAL C 35 -15.07 14.50 -15.96
N HIS C 36 -16.05 14.74 -16.81
CA HIS C 36 -16.29 13.85 -17.94
C HIS C 36 -15.08 13.79 -18.87
N ARG C 37 -14.49 14.96 -19.17
CA ARG C 37 -13.30 14.99 -20.01
C ARG C 37 -12.14 14.24 -19.36
N LEU C 38 -11.93 14.47 -18.07
CA LEU C 38 -10.85 13.80 -17.36
C LEU C 38 -11.04 12.28 -17.31
N LEU C 39 -12.29 11.83 -17.25
CA LEU C 39 -12.57 10.40 -17.34
C LEU C 39 -12.29 9.85 -18.73
N ARG C 40 -12.67 10.60 -19.77
CA ARG C 40 -12.45 10.14 -21.14
C ARG C 40 -10.97 10.09 -21.53
N LYS C 41 -10.17 10.98 -20.97
CA LYS C 41 -8.77 11.11 -21.35
C LYS C 41 -7.81 10.50 -20.34
N GLY C 42 -8.33 9.80 -19.34
CA GLY C 42 -7.47 9.22 -18.31
C GLY C 42 -7.09 7.77 -18.54
N ASN C 43 -7.50 7.20 -19.69
CA ASN C 43 -7.28 5.78 -19.99
C ASN C 43 -7.89 4.88 -18.90
N TYR C 44 -9.15 5.14 -18.55
CA TYR C 44 -9.84 4.35 -17.54
C TYR C 44 -10.69 3.25 -18.17
N ALA C 45 -11.36 3.57 -19.27
CA ALA C 45 -12.12 2.57 -20.03
C ALA C 45 -12.36 3.08 -21.43
N GLU C 46 -12.85 2.21 -22.29
CA GLU C 46 -13.08 2.57 -23.68
C GLU C 46 -14.16 3.65 -23.79
N ARG C 47 -15.21 3.53 -23.00
CA ARG C 47 -16.34 4.45 -23.04
C ARG C 47 -16.69 4.92 -21.65
N VAL C 48 -17.34 6.07 -21.56
CA VAL C 48 -17.79 6.64 -20.28
C VAL C 48 -19.28 6.94 -20.36
N GLY C 49 -20.05 6.44 -19.40
CA GLY C 49 -21.48 6.66 -19.36
C GLY C 49 -21.86 8.10 -19.06
N ALA C 50 -23.12 8.43 -19.29
CA ALA C 50 -23.59 9.79 -19.08
C ALA C 50 -23.63 10.18 -17.60
N GLY C 51 -24.06 9.25 -16.75
CA GLY C 51 -24.22 9.52 -15.33
C GLY C 51 -23.00 9.35 -14.47
N ALA C 52 -21.95 8.74 -15.00
CA ALA C 52 -20.71 8.57 -14.25
C ALA C 52 -20.06 9.89 -13.81
N PRO C 53 -19.89 10.86 -14.71
CA PRO C 53 -19.32 12.13 -14.26
C PRO C 53 -20.20 12.86 -13.25
N VAL C 54 -21.53 12.75 -13.39
CA VAL C 54 -22.45 13.41 -12.46
C VAL C 54 -22.28 12.80 -11.06
N TYR C 55 -22.27 11.47 -10.99
CA TYR C 55 -22.13 10.79 -9.72
C TYR C 55 -20.78 11.16 -9.07
N LEU C 56 -19.72 11.13 -9.87
CA LEU C 56 -18.39 11.40 -9.33
C LEU C 56 -18.24 12.85 -8.84
N ALA C 57 -18.77 13.80 -9.60
CA ALA C 57 -18.74 15.21 -9.19
C ALA C 57 -19.52 15.41 -7.89
N ALA C 58 -20.68 14.78 -7.78
CA ALA C 58 -21.46 14.88 -6.54
C ALA C 58 -20.69 14.34 -5.32
N VAL C 59 -20.04 13.20 -5.49
CA VAL C 59 -19.27 12.59 -4.40
C VAL C 59 -18.07 13.48 -4.01
N LEU C 60 -17.37 14.01 -4.99
CA LEU C 60 -16.25 14.90 -4.71
C LEU C 60 -16.69 16.17 -3.97
N GLU C 61 -17.82 16.75 -4.41
CA GLU C 61 -18.37 17.93 -3.75
C GLU C 61 -18.75 17.63 -2.30
N TYR C 62 -19.34 16.46 -2.07
CA TYR C 62 -19.73 16.09 -0.71
C TYR C 62 -18.52 16.01 0.22
N LEU C 63 -17.48 15.32 -0.25
CA LEU C 63 -16.27 15.17 0.56
C LEU C 63 -15.62 16.52 0.84
N THR C 64 -15.56 17.38 -0.18
CA THR C 64 -15.02 18.72 0.00
C THR C 64 -15.81 19.50 1.08
N ALA C 65 -17.13 19.44 1.02
CA ALA C 65 -17.95 20.20 1.95
C ALA C 65 -17.78 19.67 3.37
N GLU C 66 -17.65 18.36 3.53
CA GLU C 66 -17.41 17.79 4.86
C GLU C 66 -16.13 18.34 5.47
N ILE C 67 -15.05 18.24 4.73
CA ILE C 67 -13.76 18.70 5.22
C ILE C 67 -13.81 20.21 5.53
N LEU C 68 -14.40 20.98 4.63
CA LEU C 68 -14.43 22.42 4.80
C LEU C 68 -15.26 22.87 6.00
N GLU C 69 -16.35 22.17 6.28
CA GLU C 69 -17.13 22.46 7.47
C GLU C 69 -16.31 22.25 8.75
N LEU C 70 -15.68 21.09 8.83
CA LEU C 70 -14.86 20.80 10.01
C LEU C 70 -13.69 21.79 10.15
N ALA C 71 -13.06 22.15 9.04
CA ALA C 71 -11.93 23.08 9.08
C ALA C 71 -12.36 24.48 9.45
N GLY C 72 -13.55 24.88 9.01
CA GLY C 72 -14.08 26.19 9.40
C GLY C 72 -14.33 26.27 10.90
N ASN C 73 -14.90 25.21 11.46
CA ASN C 73 -15.07 25.14 12.91
C ASN C 73 -13.73 25.21 13.63
N ALA C 74 -12.73 24.50 13.11
CA ALA C 74 -11.39 24.54 13.70
C ALA C 74 -10.79 25.94 13.67
N ALA C 75 -10.98 26.65 12.56
CA ALA C 75 -10.48 28.01 12.44
C ALA C 75 -11.19 28.95 13.42
N ARG C 76 -12.50 28.79 13.56
CA ARG C 76 -13.24 29.62 14.51
C ARG C 76 -12.80 29.35 15.96
N ASP C 77 -12.43 28.12 16.27
CA ASP C 77 -11.94 27.82 17.62
C ASP C 77 -10.62 28.52 17.94
N ASN C 78 -9.81 28.80 16.92
CA ASN C 78 -8.57 29.57 17.12
C ASN C 78 -8.75 31.06 16.88
N LYS C 79 -10.00 31.51 16.69
CA LYS C 79 -10.32 32.92 16.48
C LYS C 79 -9.60 33.48 15.25
N LYS C 80 -9.82 32.81 14.12
CA LYS C 80 -9.29 33.23 12.83
C LYS C 80 -10.38 33.32 11.78
N THR C 81 -10.16 34.20 10.81
CA THR C 81 -11.07 34.33 9.68
C THR C 81 -10.73 33.34 8.56
N ARG C 82 -9.44 33.20 8.25
CA ARG C 82 -9.01 32.32 7.16
C ARG C 82 -8.68 30.92 7.65
N ILE C 83 -8.78 29.96 6.75
CA ILE C 83 -8.39 28.58 6.99
C ILE C 83 -6.96 28.39 6.48
N ILE C 84 -6.12 27.81 7.32
CA ILE C 84 -4.73 27.51 7.00
C ILE C 84 -4.55 25.99 7.09
N PRO C 85 -3.42 25.43 6.62
CA PRO C 85 -3.26 23.97 6.67
C PRO C 85 -3.38 23.32 8.04
N ARG C 86 -3.07 24.07 9.10
CA ARG C 86 -3.20 23.54 10.45
C ARG C 86 -4.64 23.19 10.75
N HIS C 87 -5.57 24.03 10.32
CA HIS C 87 -6.99 23.78 10.56
C HIS C 87 -7.47 22.54 9.81
N LEU C 88 -6.99 22.38 8.58
CA LEU C 88 -7.29 21.17 7.82
C LEU C 88 -6.74 19.92 8.53
N GLN C 89 -5.52 20.00 9.04
CA GLN C 89 -4.93 18.87 9.74
C GLN C 89 -5.75 18.50 10.98
N LEU C 90 -6.13 19.51 11.77
CA LEU C 90 -6.92 19.26 12.98
C LEU C 90 -8.27 18.63 12.63
N ALA C 91 -8.92 19.16 11.59
CA ALA C 91 -10.20 18.61 11.15
C ALA C 91 -10.09 17.14 10.70
N ILE C 92 -9.06 16.84 9.93
CA ILE C 92 -8.89 15.49 9.43
C ILE C 92 -8.56 14.51 10.56
N ARG C 93 -7.67 14.90 11.46
CA ARG C 93 -7.21 13.97 12.49
C ARG C 93 -8.16 13.83 13.65
N ASN C 94 -9.11 14.76 13.80
CA ASN C 94 -10.10 14.63 14.88
C ASN C 94 -11.38 13.89 14.45
N ASP C 95 -11.51 13.53 13.17
CA ASP C 95 -12.65 12.77 12.68
C ASP C 95 -12.20 11.37 12.30
N GLU C 96 -12.89 10.36 12.82
CA GLU C 96 -12.49 8.96 12.65
C GLU C 96 -12.48 8.52 11.19
N GLU C 97 -13.54 8.84 10.48
CA GLU C 97 -13.71 8.39 9.10
C GLU C 97 -12.78 9.14 8.15
N LEU C 98 -12.64 10.44 8.32
CA LEU C 98 -11.70 11.21 7.50
C LEU C 98 -10.26 10.83 7.82
N ASN C 99 -9.97 10.52 9.08
CA ASN C 99 -8.64 10.05 9.44
C ASN C 99 -8.34 8.70 8.77
N LYS C 100 -9.34 7.82 8.76
CA LYS C 100 -9.19 6.53 8.10
C LYS C 100 -9.01 6.67 6.59
N LEU C 101 -9.74 7.60 5.99
CA LEU C 101 -9.63 7.82 4.55
C LEU C 101 -8.27 8.37 4.15
N LEU C 102 -7.69 9.21 5.01
CA LEU C 102 -6.42 9.86 4.71
C LEU C 102 -5.32 9.40 5.68
N GLY C 103 -5.26 8.11 5.93
CA GLY C 103 -4.32 7.58 6.91
C GLY C 103 -2.88 7.67 6.48
N ARG C 104 -2.64 7.51 5.18
CA ARG C 104 -1.29 7.53 4.62
C ARG C 104 -0.97 8.86 3.93
N VAL C 105 -1.54 9.96 4.41
CA VAL C 105 -1.40 11.26 3.75
C VAL C 105 -0.70 12.22 4.71
N THR C 106 0.24 12.99 4.17
CA THR C 106 0.95 14.02 4.92
C THR C 106 0.45 15.38 4.47
N ILE C 107 -0.01 16.19 5.42
CA ILE C 107 -0.43 17.55 5.14
C ILE C 107 0.74 18.48 5.42
N ALA C 108 1.23 19.16 4.39
CA ALA C 108 2.37 20.06 4.55
C ALA C 108 2.00 21.24 5.45
N GLN C 109 2.87 21.55 6.41
CA GLN C 109 2.62 22.59 7.43
C GLN C 109 1.37 22.31 8.24
N GLY C 110 1.08 21.04 8.47
CA GLY C 110 -0.11 20.63 9.21
C GLY C 110 0.17 20.41 10.68
N GLY C 111 1.36 19.95 11.02
CA GLY C 111 1.70 19.67 12.42
C GLY C 111 1.11 18.36 12.88
N VAL C 112 1.07 18.20 14.20
CA VAL C 112 0.52 17.00 14.83
C VAL C 112 -0.47 17.40 15.91
N LEU C 113 -1.35 16.47 16.26
CA LEU C 113 -2.30 16.73 17.34
C LEU C 113 -1.53 16.74 18.67
N PRO C 114 -1.92 17.63 19.59
CA PRO C 114 -1.35 17.58 20.93
C PRO C 114 -1.78 16.31 21.66
N ASN C 115 -0.79 15.50 22.02
CA ASN C 115 -1.03 14.26 22.72
C ASN C 115 0.21 13.87 23.52
N ILE C 116 0.06 13.77 24.83
CA ILE C 116 1.12 13.31 25.73
C ILE C 116 0.61 12.08 26.48
N GLN C 117 1.39 11.01 26.45
CA GLN C 117 1.07 9.78 27.18
C GLN C 117 0.93 10.06 28.68
N ALA C 118 -0.08 9.48 29.29
CA ALA C 118 -0.39 9.75 30.69
C ALA C 118 0.74 9.35 31.66
N VAL C 119 1.55 8.37 31.29
CA VAL C 119 2.66 7.93 32.13
C VAL C 119 3.80 8.96 32.20
N LEU C 120 3.87 9.85 31.21
CA LEU C 120 4.93 10.86 31.19
C LEU C 120 4.63 12.08 32.04
N LEU C 121 3.36 12.28 32.41
CA LEU C 121 2.99 13.44 33.21
C LEU C 121 3.53 13.31 34.63
N PRO C 122 3.74 14.44 35.32
CA PRO C 122 4.24 14.37 36.69
C PRO C 122 3.28 13.62 37.61
N LYS C 123 3.83 12.84 38.52
CA LYS C 123 3.04 11.93 39.35
C LYS C 123 2.10 12.67 40.30
N LYS C 124 2.63 13.64 41.03
CA LYS C 124 1.83 14.41 41.98
C LYS C 124 1.86 15.90 41.63
N LYS D 33 3.70 34.79 -29.80
CA LYS D 33 3.37 33.37 -30.10
C LYS D 33 3.82 32.42 -29.00
N ARG D 34 4.72 32.86 -28.11
CA ARG D 34 5.29 32.03 -27.08
C ARG D 34 4.60 32.31 -25.75
N LYS D 35 3.49 31.62 -25.51
CA LYS D 35 2.70 31.77 -24.29
C LYS D 35 2.69 30.46 -23.51
N ARG D 36 2.70 30.56 -22.19
CA ARG D 36 2.71 29.38 -21.33
C ARG D 36 1.33 28.73 -21.30
N SER D 37 1.30 27.42 -21.14
CA SER D 37 0.04 26.69 -21.07
C SER D 37 -0.73 27.04 -19.80
N ARG D 38 -2.05 27.02 -19.92
CA ARG D 38 -2.91 27.25 -18.77
C ARG D 38 -2.86 26.09 -17.80
N LYS D 39 -3.06 26.37 -16.52
CA LYS D 39 -3.12 25.36 -15.48
C LYS D 39 -4.54 25.30 -14.91
N GLU D 40 -5.15 24.12 -14.97
CA GLU D 40 -6.45 23.92 -14.36
C GLU D 40 -6.34 23.66 -12.86
N SER D 41 -7.43 23.96 -12.16
CA SER D 41 -7.50 23.77 -10.72
C SER D 41 -8.96 23.68 -10.31
N TYR D 42 -9.18 23.23 -9.08
CA TYR D 42 -10.52 23.20 -8.49
C TYR D 42 -10.78 24.39 -7.56
N SER D 43 -9.95 25.44 -7.63
CA SER D 43 -10.04 26.54 -6.68
C SER D 43 -11.37 27.29 -6.73
N VAL D 44 -11.90 27.48 -7.94
CA VAL D 44 -13.16 28.17 -8.13
C VAL D 44 -14.27 27.41 -7.39
N TYR D 45 -14.29 26.10 -7.59
CA TYR D 45 -15.36 25.26 -7.06
C TYR D 45 -15.21 25.06 -5.56
N VAL D 46 -13.97 24.90 -5.10
CA VAL D 46 -13.72 24.79 -3.67
C VAL D 46 -14.16 26.07 -2.95
N TYR D 47 -13.91 27.22 -3.56
CA TYR D 47 -14.35 28.48 -2.99
C TYR D 47 -15.88 28.58 -2.94
N LYS D 48 -16.54 28.12 -4.00
CA LYS D 48 -18.00 28.12 -4.02
C LYS D 48 -18.57 27.28 -2.86
N VAL D 49 -18.02 26.08 -2.70
CA VAL D 49 -18.50 25.20 -1.65
C VAL D 49 -18.23 25.80 -0.26
N LEU D 50 -17.07 26.42 -0.10
CA LEU D 50 -16.72 27.06 1.17
C LEU D 50 -17.70 28.18 1.51
N LYS D 51 -18.04 29.00 0.51
CA LYS D 51 -19.02 30.03 0.72
C LYS D 51 -20.40 29.49 1.01
N GLN D 52 -20.69 28.28 0.56
CA GLN D 52 -21.94 27.62 0.96
C GLN D 52 -21.92 27.23 2.45
N VAL D 53 -20.84 26.58 2.88
CA VAL D 53 -20.78 26.05 4.25
C VAL D 53 -20.46 27.11 5.30
N HIS D 54 -19.49 27.97 5.01
CA HIS D 54 -19.08 29.05 5.94
C HIS D 54 -19.03 30.36 5.16
N PRO D 55 -20.14 31.11 5.12
CA PRO D 55 -20.18 32.33 4.32
C PRO D 55 -19.15 33.40 4.69
N ASP D 56 -18.72 33.47 5.94
CA ASP D 56 -17.83 34.54 6.40
C ASP D 56 -16.39 34.08 6.62
N THR D 57 -15.99 33.00 5.95
CA THR D 57 -14.67 32.41 6.16
C THR D 57 -13.91 32.36 4.84
N GLY D 58 -12.63 32.71 4.91
CA GLY D 58 -11.73 32.63 3.77
C GLY D 58 -10.81 31.42 3.83
N ILE D 59 -9.88 31.39 2.91
CA ILE D 59 -8.93 30.28 2.81
C ILE D 59 -7.64 30.81 2.21
N SER D 60 -6.52 30.38 2.77
CA SER D 60 -5.21 30.83 2.30
C SER D 60 -4.77 30.06 1.05
N SER D 61 -3.69 30.50 0.44
CA SER D 61 -3.16 29.83 -0.75
C SER D 61 -2.74 28.37 -0.49
N LYS D 62 -2.07 28.15 0.63
CA LYS D 62 -1.56 26.83 0.95
C LYS D 62 -2.69 25.84 1.23
N ALA D 63 -3.70 26.30 1.95
CA ALA D 63 -4.87 25.47 2.22
C ALA D 63 -5.61 25.09 0.93
N MET D 64 -5.67 26.04 0.00
CA MET D 64 -6.29 25.75 -1.29
C MET D 64 -5.49 24.73 -2.08
N GLY D 65 -4.16 24.83 -2.04
CA GLY D 65 -3.30 23.83 -2.68
C GLY D 65 -3.56 22.44 -2.13
N ILE D 66 -3.67 22.37 -0.81
CA ILE D 66 -3.97 21.10 -0.15
C ILE D 66 -5.33 20.55 -0.60
N MET D 67 -6.33 21.41 -0.70
CA MET D 67 -7.66 20.99 -1.17
C MET D 67 -7.62 20.46 -2.60
N ASN D 68 -6.84 21.11 -3.45
CA ASN D 68 -6.65 20.61 -4.81
C ASN D 68 -6.04 19.22 -4.83
N SER D 69 -5.02 19.02 -3.99
CA SER D 69 -4.38 17.71 -3.91
C SER D 69 -5.39 16.67 -3.46
N PHE D 70 -6.21 17.01 -2.48
CA PHE D 70 -7.21 16.08 -1.96
C PHE D 70 -8.20 15.66 -3.04
N VAL D 71 -8.71 16.63 -3.79
CA VAL D 71 -9.70 16.33 -4.83
C VAL D 71 -9.08 15.44 -5.91
N ASN D 72 -7.88 15.78 -6.36
CA ASN D 72 -7.19 14.96 -7.35
C ASN D 72 -6.91 13.53 -6.86
N ASP D 73 -6.51 13.41 -5.60
CA ASP D 73 -6.26 12.10 -5.01
C ASP D 73 -7.52 11.22 -5.01
N ILE D 74 -8.64 11.80 -4.55
CA ILE D 74 -9.88 11.03 -4.47
C ILE D 74 -10.38 10.67 -5.87
N PHE D 75 -10.23 11.60 -6.81
CA PHE D 75 -10.60 11.31 -8.19
C PHE D 75 -9.83 10.10 -8.71
N GLU D 76 -8.52 10.10 -8.50
CA GLU D 76 -7.67 9.02 -8.98
C GLU D 76 -8.10 7.68 -8.36
N ARG D 77 -8.34 7.68 -7.06
CA ARG D 77 -8.70 6.43 -6.37
C ARG D 77 -10.00 5.86 -6.93
N ILE D 78 -11.03 6.70 -7.00
CA ILE D 78 -12.35 6.22 -7.42
C ILE D 78 -12.31 5.76 -8.89
N ALA D 79 -11.66 6.54 -9.75
CA ALA D 79 -11.63 6.22 -11.16
C ALA D 79 -10.85 4.92 -11.41
N GLY D 80 -9.72 4.75 -10.72
CA GLY D 80 -8.96 3.52 -10.85
C GLY D 80 -9.74 2.29 -10.40
N GLU D 81 -10.42 2.39 -9.26
CA GLU D 81 -11.23 1.28 -8.79
C GLU D 81 -12.37 0.96 -9.77
N ALA D 82 -13.01 1.98 -10.30
CA ALA D 82 -14.09 1.77 -11.27
C ALA D 82 -13.56 1.10 -12.55
N SER D 83 -12.39 1.52 -13.01
CA SER D 83 -11.77 0.91 -14.17
C SER D 83 -11.50 -0.59 -13.93
N ARG D 84 -10.96 -0.90 -12.76
CA ARG D 84 -10.68 -2.29 -12.43
C ARG D 84 -11.98 -3.12 -12.34
N LEU D 85 -13.04 -2.52 -11.78
CA LEU D 85 -14.35 -3.19 -11.69
C LEU D 85 -14.91 -3.48 -13.07
N ALA D 86 -14.80 -2.52 -13.99
CA ALA D 86 -15.27 -2.72 -15.34
C ALA D 86 -14.45 -3.80 -16.04
N HIS D 87 -13.15 -3.85 -15.77
CA HIS D 87 -12.29 -4.87 -16.38
C HIS D 87 -12.61 -6.26 -15.89
N TYR D 88 -12.87 -6.41 -14.59
CA TYR D 88 -13.16 -7.73 -14.03
C TYR D 88 -14.41 -8.36 -14.67
N ASN D 89 -15.42 -7.53 -14.94
CA ASN D 89 -16.69 -8.00 -15.45
C ASN D 89 -16.82 -7.91 -16.97
N LYS D 90 -15.71 -7.69 -17.65
CA LYS D 90 -15.66 -7.72 -19.11
C LYS D 90 -16.60 -6.69 -19.73
N ARG D 91 -16.61 -5.51 -19.13
CA ARG D 91 -17.43 -4.39 -19.60
C ARG D 91 -16.54 -3.26 -20.07
N SER D 92 -16.95 -2.63 -21.17
CA SER D 92 -16.17 -1.62 -21.84
C SER D 92 -16.50 -0.20 -21.40
N THR D 93 -17.44 -0.04 -20.48
CA THR D 93 -17.95 1.27 -20.12
C THR D 93 -17.91 1.46 -18.62
N ILE D 94 -17.53 2.65 -18.19
CA ILE D 94 -17.63 3.07 -16.80
C ILE D 94 -18.94 3.83 -16.64
N THR D 95 -19.84 3.29 -15.83
CA THR D 95 -21.15 3.87 -15.60
C THR D 95 -21.30 4.26 -14.15
N SER D 96 -22.43 4.86 -13.82
CA SER D 96 -22.71 5.29 -12.46
C SER D 96 -22.69 4.14 -11.46
N ARG D 97 -22.98 2.93 -11.93
CA ARG D 97 -22.97 1.76 -11.08
C ARG D 97 -21.54 1.39 -10.64
N GLU D 98 -20.60 1.47 -11.58
CA GLU D 98 -19.19 1.27 -11.25
C GLU D 98 -18.69 2.30 -10.23
N ILE D 99 -19.08 3.55 -10.42
CA ILE D 99 -18.70 4.62 -9.49
C ILE D 99 -19.30 4.34 -8.11
N GLN D 100 -20.56 3.88 -8.08
CA GLN D 100 -21.21 3.58 -6.82
C GLN D 100 -20.50 2.45 -6.07
N THR D 101 -20.17 1.39 -6.79
CA THR D 101 -19.51 0.26 -6.16
C THR D 101 -18.11 0.67 -5.66
N ALA D 102 -17.40 1.47 -6.46
CA ALA D 102 -16.09 1.96 -6.06
C ALA D 102 -16.16 2.83 -4.80
N VAL D 103 -17.18 3.67 -4.72
CA VAL D 103 -17.39 4.49 -3.53
C VAL D 103 -17.62 3.62 -2.30
N ARG D 104 -18.44 2.59 -2.45
CA ARG D 104 -18.71 1.67 -1.33
C ARG D 104 -17.46 0.92 -0.90
N LEU D 105 -16.59 0.59 -1.83
CA LEU D 105 -15.33 -0.07 -1.49
C LEU D 105 -14.35 0.87 -0.79
N LEU D 106 -14.23 2.09 -1.26
CA LEU D 106 -13.16 2.99 -0.83
C LEU D 106 -13.47 3.86 0.38
N LEU D 107 -14.74 4.07 0.72
CA LEU D 107 -15.02 4.97 1.82
C LEU D 107 -15.49 4.21 3.05
N PRO D 108 -15.16 4.72 4.24
CA PRO D 108 -15.74 4.17 5.47
C PRO D 108 -17.26 4.32 5.56
N GLY D 109 -17.84 3.80 6.62
CA GLY D 109 -19.29 3.59 6.72
C GLY D 109 -20.21 4.75 6.40
N GLU D 110 -20.23 5.73 7.29
CA GLU D 110 -21.16 6.85 7.14
C GLU D 110 -20.76 7.74 5.95
N LEU D 111 -19.46 7.88 5.71
CA LEU D 111 -19.01 8.58 4.51
C LEU D 111 -19.56 7.92 3.24
N ALA D 112 -19.43 6.60 3.15
CA ALA D 112 -19.92 5.88 1.98
C ALA D 112 -21.45 6.02 1.83
N LYS D 113 -22.17 5.92 2.95
CA LYS D 113 -23.63 6.03 2.91
C LYS D 113 -24.09 7.38 2.37
N HIS D 114 -23.53 8.44 2.94
CA HIS D 114 -23.93 9.78 2.55
C HIS D 114 -23.47 10.12 1.14
N ALA D 115 -22.29 9.65 0.76
CA ALA D 115 -21.79 9.89 -0.61
C ALA D 115 -22.68 9.19 -1.64
N VAL D 116 -23.09 7.95 -1.33
CA VAL D 116 -24.00 7.24 -2.22
C VAL D 116 -25.34 7.98 -2.35
N SER D 117 -25.85 8.46 -1.22
CA SER D 117 -27.09 9.24 -1.25
C SER D 117 -26.96 10.48 -2.15
N GLU D 118 -25.87 11.22 -1.99
CA GLU D 118 -25.63 12.41 -2.82
C GLU D 118 -25.54 12.08 -4.30
N GLY D 119 -24.79 11.02 -4.63
CA GLY D 119 -24.64 10.62 -6.02
C GLY D 119 -25.96 10.22 -6.68
N THR D 120 -26.74 9.40 -5.99
CA THR D 120 -28.03 8.97 -6.51
C THR D 120 -28.96 10.17 -6.69
N LYS D 121 -28.96 11.08 -5.72
CA LYS D 121 -29.81 12.26 -5.80
C LYS D 121 -29.44 13.11 -7.01
N ALA D 122 -28.14 13.31 -7.21
CA ALA D 122 -27.68 14.13 -8.33
C ALA D 122 -28.04 13.51 -9.67
N VAL D 123 -27.86 12.20 -9.79
CA VAL D 123 -28.16 11.53 -11.04
C VAL D 123 -29.66 11.59 -11.34
N THR D 124 -30.49 11.43 -10.30
CA THR D 124 -31.92 11.54 -10.47
C THR D 124 -32.33 12.94 -10.95
N LYS D 125 -31.77 13.97 -10.32
CA LYS D 125 -32.07 15.33 -10.72
C LYS D 125 -31.59 15.62 -12.15
N TYR D 126 -30.44 15.09 -12.52
CA TYR D 126 -29.91 15.27 -13.86
C TYR D 126 -30.80 14.63 -14.91
N THR D 127 -31.28 13.42 -14.61
CA THR D 127 -32.16 12.74 -15.54
C THR D 127 -33.53 13.42 -15.65
N SER D 128 -34.02 13.99 -14.55
CA SER D 128 -35.33 14.65 -14.57
C SER D 128 -35.44 15.81 -15.56
N SER D 129 -34.35 16.57 -15.74
CA SER D 129 -34.35 17.70 -16.67
C SER D 129 -33.91 17.26 -18.05
N LYS D 130 -34.61 16.25 -18.59
CA LYS D 130 -34.32 15.68 -19.90
C LYS D 130 -32.82 15.48 -20.22
N LYS E 42 19.24 30.53 46.54
CA LYS E 42 20.06 30.33 45.31
C LYS E 42 19.17 30.45 44.07
N PRO E 43 19.79 30.60 42.88
CA PRO E 43 18.97 30.81 41.68
C PRO E 43 17.95 29.71 41.41
N HIS E 44 16.86 30.09 40.77
CA HIS E 44 15.78 29.17 40.44
C HIS E 44 16.28 28.06 39.51
N ARG E 45 15.76 26.85 39.72
CA ARG E 45 16.13 25.71 38.87
C ARG E 45 14.99 24.73 38.77
N TYR E 46 14.52 24.48 37.55
CA TYR E 46 13.45 23.52 37.34
C TYR E 46 13.94 22.09 37.50
N ARG E 47 13.06 21.24 38.01
CA ARG E 47 13.38 19.82 38.18
C ARG E 47 13.43 19.13 36.84
N PRO E 48 14.24 18.07 36.71
CA PRO E 48 14.35 17.34 35.44
C PRO E 48 13.01 16.83 34.92
N GLY E 49 12.72 17.09 33.65
CA GLY E 49 11.46 16.70 33.04
C GLY E 49 10.43 17.80 32.89
N THR E 50 10.55 18.88 33.66
CA THR E 50 9.60 19.99 33.54
C THR E 50 9.76 20.71 32.21
N VAL E 51 10.99 21.06 31.89
CA VAL E 51 11.28 21.76 30.65
C VAL E 51 11.00 20.86 29.44
N ALA E 52 11.18 19.56 29.61
CA ALA E 52 10.90 18.62 28.54
C ALA E 52 9.39 18.60 28.21
N LEU E 53 8.56 18.60 29.24
CA LEU E 53 7.11 18.68 29.03
C LEU E 53 6.69 20.00 28.42
N ARG E 54 7.32 21.07 28.88
CA ARG E 54 7.06 22.38 28.28
C ARG E 54 7.43 22.41 26.78
N GLU E 55 8.56 21.81 26.44
CA GLU E 55 8.98 21.69 25.05
C GLU E 55 8.03 20.84 24.21
N ILE E 56 7.54 19.76 24.79
CA ILE E 56 6.57 18.91 24.08
C ILE E 56 5.34 19.74 23.73
N ARG E 57 4.81 20.45 24.73
CA ARG E 57 3.63 21.28 24.50
C ARG E 57 3.91 22.37 23.46
N ARG E 58 5.10 22.94 23.49
CA ARG E 58 5.47 23.98 22.54
C ARG E 58 5.52 23.47 21.10
N TYR E 59 6.18 22.34 20.90
CA TYR E 59 6.41 21.85 19.55
C TYR E 59 5.25 21.07 18.97
N GLN E 60 4.35 20.56 19.79
CA GLN E 60 3.12 19.97 19.26
C GLN E 60 2.08 21.03 18.90
N LYS E 61 2.32 22.28 19.29
CA LYS E 61 1.38 23.36 19.04
C LYS E 61 1.66 24.09 17.72
N SER E 62 2.91 23.99 17.22
CA SER E 62 3.37 24.73 16.06
C SER E 62 3.48 23.84 14.83
N THR E 63 3.84 24.46 13.72
CA THR E 63 3.94 23.77 12.44
C THR E 63 5.22 24.01 11.65
N GLU E 64 6.15 24.79 12.19
CA GLU E 64 7.35 25.13 11.42
C GLU E 64 8.28 23.94 11.30
N LEU E 65 9.19 24.00 10.35
CA LEU E 65 10.22 22.98 10.19
C LEU E 65 11.26 23.09 11.31
N LEU E 66 11.63 21.94 11.87
CA LEU E 66 12.50 21.88 13.03
C LEU E 66 13.97 21.67 12.69
N ILE E 67 14.29 21.47 11.41
CA ILE E 67 15.67 21.29 10.96
C ILE E 67 16.06 22.53 10.16
N ARG E 68 17.28 23.00 10.39
CA ARG E 68 17.81 24.13 9.65
C ARG E 68 17.81 23.84 8.16
N LYS E 69 17.39 24.83 7.36
CA LYS E 69 17.16 24.64 5.94
C LYS E 69 18.44 24.38 5.13
N LEU E 70 19.46 25.20 5.37
CA LEU E 70 20.69 25.10 4.61
C LEU E 70 21.47 23.80 4.82
N PRO E 71 21.63 23.34 6.08
CA PRO E 71 22.28 22.04 6.26
C PRO E 71 21.52 20.89 5.59
N PHE E 72 20.20 20.93 5.65
CA PHE E 72 19.40 19.91 4.96
C PHE E 72 19.59 19.95 3.45
N GLN E 73 19.68 21.16 2.89
CA GLN E 73 19.90 21.31 1.47
C GLN E 73 21.25 20.74 1.06
N ARG E 74 22.28 21.02 1.85
CA ARG E 74 23.61 20.46 1.59
C ARG E 74 23.57 18.93 1.65
N LEU E 75 22.85 18.38 2.63
CA LEU E 75 22.71 16.94 2.74
C LEU E 75 22.04 16.35 1.52
N VAL E 76 20.98 17.00 1.06
CA VAL E 76 20.25 16.51 -0.10
C VAL E 76 21.16 16.50 -1.34
N ARG E 77 21.92 17.57 -1.53
CA ARG E 77 22.82 17.65 -2.67
C ARG E 77 23.92 16.59 -2.59
N GLU E 78 24.47 16.38 -1.40
CA GLU E 78 25.49 15.34 -1.21
C GLU E 78 24.95 13.96 -1.55
N ILE E 79 23.76 13.64 -1.04
CA ILE E 79 23.17 12.34 -1.33
C ILE E 79 22.91 12.18 -2.83
N ALA E 80 22.38 13.21 -3.46
CA ALA E 80 21.98 13.12 -4.87
C ALA E 80 23.18 13.06 -5.81
N GLN E 81 24.33 13.61 -5.39
CA GLN E 81 25.48 13.61 -6.28
C GLN E 81 26.01 12.21 -6.58
N ASP E 82 25.70 11.25 -5.72
CA ASP E 82 26.07 9.85 -6.00
C ASP E 82 25.29 9.25 -7.16
N PHE E 83 23.99 9.54 -7.24
CA PHE E 83 23.17 9.02 -8.32
C PHE E 83 23.49 9.66 -9.66
N LYS E 84 23.64 10.98 -9.67
CA LYS E 84 23.94 11.72 -10.89
C LYS E 84 24.73 12.96 -10.55
N THR E 85 25.63 13.35 -11.46
CA THR E 85 26.47 14.51 -11.28
C THR E 85 25.89 15.73 -12.00
N ASP E 86 26.15 16.90 -11.43
CA ASP E 86 25.63 18.17 -11.95
C ASP E 86 24.11 18.19 -12.04
N LEU E 87 23.45 17.74 -10.97
CA LEU E 87 22.01 17.87 -10.85
C LEU E 87 21.64 19.28 -10.39
N ARG E 88 20.42 19.67 -10.70
CA ARG E 88 19.85 20.90 -10.20
C ARG E 88 18.55 20.62 -9.46
N PHE E 89 18.20 21.48 -8.51
CA PHE E 89 16.99 21.32 -7.73
C PHE E 89 16.19 22.59 -7.73
N GLN E 90 14.88 22.48 -7.93
CA GLN E 90 13.99 23.58 -7.62
C GLN E 90 13.91 23.75 -6.09
N SER E 91 13.58 24.96 -5.66
CA SER E 91 13.43 25.24 -4.24
C SER E 91 12.32 24.38 -3.64
N SER E 92 11.20 24.30 -4.34
CA SER E 92 10.06 23.53 -3.86
C SER E 92 10.39 22.04 -3.72
N ALA E 93 11.31 21.53 -4.54
CA ALA E 93 11.75 20.15 -4.41
C ALA E 93 12.41 19.88 -3.06
N VAL E 94 13.32 20.76 -2.67
CA VAL E 94 14.02 20.63 -1.39
C VAL E 94 13.06 20.82 -0.22
N MET E 95 12.12 21.75 -0.38
CA MET E 95 11.11 21.97 0.65
C MET E 95 10.19 20.77 0.83
N ALA E 96 9.80 20.14 -0.28
CA ALA E 96 8.97 18.94 -0.22
C ALA E 96 9.72 17.79 0.45
N LEU E 97 11.00 17.65 0.12
CA LEU E 97 11.81 16.62 0.75
C LEU E 97 11.88 16.85 2.26
N GLN E 98 12.08 18.09 2.68
CA GLN E 98 12.20 18.38 4.10
C GLN E 98 10.90 18.10 4.84
N GLU E 99 9.77 18.50 4.25
CA GLU E 99 8.46 18.22 4.84
C GLU E 99 8.26 16.71 5.04
N ALA E 100 8.55 15.94 4.00
CA ALA E 100 8.39 14.49 4.07
C ALA E 100 9.29 13.87 5.13
N CYS E 101 10.56 14.27 5.16
CA CYS E 101 11.51 13.70 6.13
C CYS E 101 11.10 13.98 7.57
N GLU E 102 10.69 15.22 7.83
CA GLU E 102 10.32 15.57 9.18
C GLU E 102 9.05 14.82 9.62
N ALA E 103 8.08 14.69 8.72
CA ALA E 103 6.89 13.93 9.04
C ALA E 103 7.21 12.47 9.36
N TYR E 104 8.09 11.88 8.55
CA TYR E 104 8.53 10.49 8.77
C TYR E 104 9.22 10.31 10.12
N LEU E 105 10.12 11.20 10.46
CA LEU E 105 10.84 11.08 11.73
C LEU E 105 9.93 11.29 12.93
N VAL E 106 8.97 12.20 12.81
CA VAL E 106 8.04 12.44 13.91
C VAL E 106 7.17 11.20 14.15
N GLY E 107 6.67 10.59 13.07
CA GLY E 107 5.91 9.36 13.20
C GLY E 107 6.71 8.23 13.84
N LEU E 108 7.96 8.11 13.39
CA LEU E 108 8.85 7.10 13.95
C LEU E 108 9.07 7.32 15.44
N PHE E 109 9.22 8.57 15.85
CA PHE E 109 9.45 8.86 17.26
C PHE E 109 8.22 8.55 18.10
N GLU E 110 7.03 8.78 17.56
CA GLU E 110 5.81 8.40 18.26
C GLU E 110 5.78 6.86 18.51
N ASP E 111 6.06 6.08 17.48
CA ASP E 111 6.11 4.63 17.63
C ASP E 111 7.21 4.17 18.58
N THR E 112 8.36 4.82 18.50
CA THR E 112 9.47 4.51 19.40
C THR E 112 9.10 4.79 20.85
N ASN E 113 8.38 5.89 21.10
CA ASN E 113 7.93 6.22 22.44
C ASN E 113 6.99 5.16 22.98
N LEU E 114 6.10 4.67 22.13
CA LEU E 114 5.23 3.56 22.54
C LEU E 114 6.02 2.31 22.90
N CYS E 115 7.02 1.98 22.09
CA CYS E 115 7.87 0.82 22.39
C CYS E 115 8.62 0.99 23.70
N ALA E 116 9.11 2.19 23.96
CA ALA E 116 9.83 2.45 25.22
C ALA E 116 8.91 2.34 26.44
N ILE E 117 7.71 2.86 26.33
CA ILE E 117 6.74 2.76 27.42
C ILE E 117 6.32 1.31 27.65
N HIS E 118 6.23 0.53 26.58
CA HIS E 118 5.90 -0.88 26.71
C HIS E 118 6.87 -1.63 27.60
N ALA E 119 8.13 -1.20 27.61
CA ALA E 119 9.17 -1.84 28.42
C ALA E 119 9.32 -1.19 29.79
N LYS E 120 8.28 -0.51 30.28
CA LYS E 120 8.30 0.13 31.59
C LYS E 120 9.45 1.14 31.74
N ARG E 121 9.69 1.91 30.68
CA ARG E 121 10.72 2.94 30.66
C ARG E 121 10.10 4.26 30.27
N VAL E 122 10.87 5.32 30.45
CA VAL E 122 10.54 6.66 29.95
C VAL E 122 11.55 7.14 28.89
N THR E 123 12.76 6.58 28.90
CA THR E 123 13.80 6.95 27.96
C THR E 123 13.68 6.12 26.70
N ILE E 124 13.78 6.75 25.55
CA ILE E 124 13.87 6.02 24.28
C ILE E 124 15.32 5.62 24.05
N MET E 125 15.52 4.42 23.52
CA MET E 125 16.85 3.87 23.26
C MET E 125 16.88 3.32 21.83
N PRO E 126 18.08 3.09 21.28
CA PRO E 126 18.16 2.61 19.89
C PRO E 126 17.40 1.33 19.61
N LYS E 127 17.35 0.42 20.57
CA LYS E 127 16.57 -0.81 20.42
C LYS E 127 15.06 -0.56 20.24
N ASP E 128 14.55 0.52 20.83
CA ASP E 128 13.17 0.90 20.60
C ASP E 128 12.90 1.30 19.15
N ILE E 129 13.80 2.08 18.58
CA ILE E 129 13.69 2.46 17.17
C ILE E 129 13.77 1.21 16.30
N GLN E 130 14.69 0.31 16.64
CA GLN E 130 14.87 -0.89 15.85
C GLN E 130 13.61 -1.75 15.88
N LEU E 131 13.00 -1.89 17.06
CA LEU E 131 11.79 -2.67 17.17
C LEU E 131 10.65 -2.05 16.37
N ALA E 132 10.49 -0.74 16.48
CA ALA E 132 9.40 -0.06 15.78
C ALA E 132 9.54 -0.24 14.27
N ARG E 133 10.77 -0.07 13.77
CA ARG E 133 11.00 -0.22 12.34
C ARG E 133 10.83 -1.66 11.88
N ARG E 134 11.21 -2.61 12.73
CA ARG E 134 11.02 -4.02 12.40
C ARG E 134 9.54 -4.36 12.26
N ILE E 135 8.73 -3.89 13.18
CA ILE E 135 7.30 -4.20 13.14
C ILE E 135 6.62 -3.46 11.98
N ARG E 136 7.04 -2.23 11.71
CA ARG E 136 6.52 -1.47 10.57
C ARG E 136 6.78 -2.13 9.23
N GLY E 137 7.75 -3.03 9.17
CA GLY E 137 8.13 -3.69 7.93
C GLY E 137 9.28 -3.01 7.19
N GLU E 138 9.98 -2.10 7.86
CA GLU E 138 11.06 -1.37 7.23
C GLU E 138 12.36 -2.15 7.28
N ARG E 139 12.65 -2.77 8.43
CA ARG E 139 13.81 -3.66 8.55
C ARG E 139 13.36 -5.09 8.85
N ARG F 22 29.90 27.12 -13.75
CA ARG F 22 30.35 25.88 -14.45
C ARG F 22 30.99 24.89 -13.48
N HIS F 23 31.96 25.36 -12.71
CA HIS F 23 32.63 24.51 -11.72
C HIS F 23 31.67 24.11 -10.60
N ARG F 24 31.69 22.83 -10.23
CA ARG F 24 30.90 22.30 -9.13
C ARG F 24 31.82 21.67 -8.09
N LYS F 25 31.47 21.84 -6.82
CA LYS F 25 32.30 21.41 -5.71
C LYS F 25 31.69 20.20 -5.02
N VAL F 26 32.51 19.21 -4.71
CA VAL F 26 32.05 17.98 -4.09
C VAL F 26 31.82 18.22 -2.59
N LEU F 27 30.69 17.74 -2.09
CA LEU F 27 30.33 17.89 -0.67
C LEU F 27 30.58 16.59 0.08
N ARG F 28 30.77 16.70 1.39
CA ARG F 28 31.04 15.53 2.23
C ARG F 28 30.62 15.76 3.67
N ASP F 29 30.42 14.65 4.38
CA ASP F 29 30.04 14.62 5.81
C ASP F 29 29.01 15.67 6.24
N ASN F 30 28.00 15.86 5.41
CA ASN F 30 26.93 16.79 5.72
C ASN F 30 25.86 16.21 6.66
N ILE F 31 25.92 14.91 6.95
CA ILE F 31 24.96 14.29 7.86
C ILE F 31 25.06 14.87 9.27
N GLN F 32 26.25 15.36 9.64
CA GLN F 32 26.43 16.03 10.91
C GLN F 32 25.73 17.39 11.00
N GLY F 33 25.25 17.91 9.87
CA GLY F 33 24.44 19.12 9.87
C GLY F 33 23.08 18.94 10.52
N ILE F 34 22.61 17.71 10.64
CA ILE F 34 21.41 17.40 11.41
C ILE F 34 21.83 17.34 12.88
N THR F 35 21.75 18.47 13.55
CA THR F 35 22.37 18.61 14.86
C THR F 35 21.55 17.91 15.93
N LYS F 36 22.16 17.73 17.08
CA LYS F 36 21.51 17.16 18.25
C LYS F 36 20.24 17.93 18.68
N PRO F 37 20.28 19.27 18.74
CA PRO F 37 19.05 20.01 19.04
C PRO F 37 17.89 19.75 18.07
N ALA F 38 18.19 19.60 16.78
CA ALA F 38 17.13 19.35 15.81
C ALA F 38 16.48 17.98 16.02
N ILE F 39 17.29 16.98 16.32
CA ILE F 39 16.76 15.66 16.61
C ILE F 39 15.93 15.70 17.88
N ARG F 40 16.38 16.46 18.89
CA ARG F 40 15.63 16.60 20.13
C ARG F 40 14.28 17.28 19.86
N ARG F 41 14.25 18.29 19.01
CA ARG F 41 12.99 18.93 18.66
C ARG F 41 12.04 17.97 17.95
N LEU F 42 12.55 17.21 17.01
CA LEU F 42 11.72 16.23 16.32
C LEU F 42 11.19 15.17 17.30
N ALA F 43 11.99 14.78 18.28
CA ALA F 43 11.52 13.87 19.31
C ALA F 43 10.46 14.52 20.22
N ARG F 44 10.63 15.80 20.50
CA ARG F 44 9.65 16.53 21.31
C ARG F 44 8.31 16.64 20.62
N ARG F 45 8.29 16.89 19.32
CA ARG F 45 7.03 16.93 18.59
C ARG F 45 6.35 15.57 18.59
N GLY F 46 7.14 14.51 18.61
CA GLY F 46 6.61 13.15 18.75
C GLY F 46 6.31 12.73 20.18
N GLY F 47 6.34 13.66 21.11
CA GLY F 47 5.96 13.42 22.49
C GLY F 47 6.94 12.59 23.29
N VAL F 48 8.23 12.76 23.07
CA VAL F 48 9.26 12.07 23.82
C VAL F 48 9.77 12.97 24.94
N LYS F 49 9.87 12.42 26.14
CA LYS F 49 10.30 13.17 27.32
C LYS F 49 11.81 13.03 27.61
N ARG F 50 12.35 11.83 27.53
CA ARG F 50 13.74 11.55 27.88
C ARG F 50 14.41 10.77 26.77
N ILE F 51 15.65 11.13 26.44
CA ILE F 51 16.33 10.61 25.24
C ILE F 51 17.70 10.09 25.62
N SER F 52 18.03 8.88 25.20
CA SER F 52 19.37 8.32 25.42
C SER F 52 20.37 8.95 24.46
N GLY F 53 21.63 8.91 24.87
CA GLY F 53 22.69 9.56 24.12
C GLY F 53 23.01 8.90 22.79
N LEU F 54 22.68 7.63 22.64
CA LEU F 54 22.96 6.90 21.41
C LEU F 54 21.88 7.04 20.34
N ILE F 55 20.80 7.75 20.63
CA ILE F 55 19.72 7.94 19.68
C ILE F 55 20.14 8.74 18.46
N TYR F 56 21.01 9.72 18.64
CA TYR F 56 21.30 10.69 17.58
C TYR F 56 21.95 10.04 16.34
N GLU F 57 22.91 9.17 16.57
CA GLU F 57 23.57 8.47 15.47
C GLU F 57 22.62 7.52 14.72
N GLU F 58 21.82 6.79 15.48
CA GLU F 58 20.80 5.90 14.92
C GLU F 58 19.83 6.70 14.04
N THR F 59 19.40 7.85 14.54
CA THR F 59 18.49 8.71 13.80
C THR F 59 19.11 9.23 12.51
N ARG F 60 20.39 9.58 12.57
CA ARG F 60 21.08 10.03 11.37
C ARG F 60 21.13 8.93 10.30
N GLY F 61 21.41 7.70 10.73
CA GLY F 61 21.37 6.56 9.81
C GLY F 61 20.00 6.34 9.18
N VAL F 62 18.96 6.45 9.99
CA VAL F 62 17.60 6.25 9.52
C VAL F 62 17.23 7.30 8.48
N LEU F 63 17.53 8.55 8.79
CA LEU F 63 17.24 9.64 7.87
C LEU F 63 18.02 9.46 6.55
N LYS F 64 19.27 9.03 6.66
CA LYS F 64 20.09 8.80 5.49
C LYS F 64 19.44 7.77 4.55
N VAL F 65 19.00 6.66 5.12
CA VAL F 65 18.38 5.60 4.32
C VAL F 65 17.11 6.12 3.63
N PHE F 66 16.26 6.81 4.40
CA PHE F 66 15.00 7.30 3.85
C PHE F 66 15.24 8.26 2.69
N LEU F 67 16.16 9.20 2.91
CA LEU F 67 16.45 10.20 1.88
C LEU F 67 17.04 9.58 0.62
N GLU F 68 17.94 8.60 0.79
CA GLU F 68 18.51 7.92 -0.39
C GLU F 68 17.41 7.26 -1.19
N ASN F 69 16.51 6.56 -0.51
CA ASN F 69 15.43 5.86 -1.22
C ASN F 69 14.55 6.83 -2.00
N VAL F 70 14.18 7.93 -1.40
CA VAL F 70 13.29 8.88 -2.07
C VAL F 70 14.00 9.59 -3.22
N ILE F 71 15.25 10.02 -2.99
CA ILE F 71 15.98 10.79 -4.00
C ILE F 71 16.31 9.93 -5.23
N ARG F 72 16.59 8.65 -5.04
CA ARG F 72 16.85 7.79 -6.19
C ARG F 72 15.64 7.73 -7.14
N ASP F 73 14.45 7.55 -6.59
CA ASP F 73 13.23 7.54 -7.40
C ASP F 73 12.95 8.89 -8.04
N ALA F 74 13.16 9.96 -7.29
CA ALA F 74 12.98 11.30 -7.86
C ALA F 74 13.93 11.52 -9.05
N VAL F 75 15.17 11.10 -8.93
CA VAL F 75 16.15 11.25 -9.99
C VAL F 75 15.80 10.37 -11.18
N THR F 76 15.27 9.18 -10.93
CA THR F 76 14.80 8.33 -12.03
C THR F 76 13.68 9.01 -12.82
N TYR F 77 12.73 9.59 -12.11
CA TYR F 77 11.66 10.35 -12.77
C TYR F 77 12.22 11.52 -13.56
N THR F 78 13.18 12.23 -12.99
CA THR F 78 13.78 13.37 -13.66
C THR F 78 14.51 12.96 -14.93
N GLU F 79 15.30 11.89 -14.85
CA GLU F 79 16.07 11.43 -16.00
C GLU F 79 15.19 10.89 -17.11
N HIS F 80 14.06 10.27 -16.75
CA HIS F 80 13.14 9.78 -17.77
C HIS F 80 12.60 10.91 -18.63
N ALA F 81 12.34 12.06 -18.02
CA ALA F 81 11.87 13.25 -18.72
C ALA F 81 12.96 13.97 -19.49
N LYS F 82 14.19 13.47 -19.46
CA LYS F 82 15.32 14.12 -20.10
C LYS F 82 15.52 15.56 -19.63
N ARG F 83 15.44 15.74 -18.30
CA ARG F 83 15.71 17.02 -17.66
C ARG F 83 16.96 16.89 -16.79
N LYS F 84 17.49 18.02 -16.36
CA LYS F 84 18.57 18.07 -15.39
C LYS F 84 18.19 18.70 -14.06
N THR F 85 17.00 19.28 -13.96
CA THR F 85 16.51 19.88 -12.74
C THR F 85 15.45 18.99 -12.12
N VAL F 86 15.64 18.63 -10.85
CA VAL F 86 14.64 17.89 -10.10
C VAL F 86 13.54 18.84 -9.68
N THR F 87 12.30 18.50 -10.03
CA THR F 87 11.15 19.33 -9.71
C THR F 87 10.41 18.78 -8.50
N ALA F 88 9.46 19.56 -7.99
CA ALA F 88 8.66 19.13 -6.86
C ALA F 88 7.71 17.99 -7.22
N MET F 89 7.26 17.93 -8.47
CA MET F 89 6.42 16.82 -8.91
C MET F 89 7.15 15.48 -8.94
N ASP F 90 8.44 15.51 -9.26
CA ASP F 90 9.25 14.29 -9.18
C ASP F 90 9.28 13.74 -7.77
N VAL F 91 9.47 14.63 -6.80
CA VAL F 91 9.48 14.23 -5.40
C VAL F 91 8.10 13.72 -4.99
N VAL F 92 7.06 14.40 -5.44
CA VAL F 92 5.70 13.98 -5.08
C VAL F 92 5.38 12.58 -5.63
N TYR F 93 5.76 12.32 -6.88
CA TYR F 93 5.57 10.99 -7.45
C TYR F 93 6.38 9.91 -6.73
N ALA F 94 7.64 10.22 -6.44
CA ALA F 94 8.49 9.27 -5.71
C ALA F 94 7.91 8.94 -4.35
N LEU F 95 7.51 9.96 -3.60
CA LEU F 95 6.88 9.74 -2.30
C LEU F 95 5.59 8.95 -2.43
N LYS F 96 4.78 9.27 -3.44
CA LYS F 96 3.50 8.58 -3.64
C LYS F 96 3.70 7.11 -3.88
N ARG F 97 4.71 6.75 -4.65
CA ARG F 97 4.99 5.35 -4.91
C ARG F 97 5.76 4.67 -3.79
N GLN F 98 6.33 5.44 -2.87
CA GLN F 98 6.87 4.88 -1.63
C GLN F 98 5.79 4.55 -0.63
N GLY F 99 4.54 4.96 -0.90
CA GLY F 99 3.44 4.78 0.02
C GLY F 99 3.17 5.97 0.91
N ARG F 100 3.87 7.09 0.69
CA ARG F 100 3.73 8.27 1.54
C ARG F 100 3.28 9.46 0.67
N THR F 101 1.98 9.59 0.49
CA THR F 101 1.40 10.68 -0.26
C THR F 101 1.61 12.02 0.46
N LEU F 102 1.88 13.05 -0.33
CA LEU F 102 2.14 14.39 0.18
C LEU F 102 1.18 15.39 -0.48
N TYR F 103 0.48 16.16 0.34
CA TYR F 103 -0.40 17.23 -0.15
C TYR F 103 0.26 18.57 0.03
N GLY F 104 0.01 19.47 -0.90
CA GLY F 104 0.44 20.85 -0.77
C GLY F 104 1.61 21.27 -1.62
N PHE F 105 2.09 20.38 -2.49
CA PHE F 105 3.20 20.72 -3.40
C PHE F 105 2.84 20.45 -4.85
N GLY F 106 1.58 20.68 -5.20
CA GLY F 106 1.11 20.54 -6.57
C GLY F 106 0.62 19.17 -6.98
N GLY F 107 0.26 18.33 -6.00
CA GLY F 107 -0.19 16.96 -6.28
C GLY F 107 -1.37 16.89 -7.24
N ALA G 15 2.59 -16.77 -51.77
CA ALA G 15 3.39 -15.59 -52.20
C ALA G 15 3.94 -14.80 -51.02
N ARG G 16 3.93 -15.40 -49.84
CA ARG G 16 4.24 -14.71 -48.60
C ARG G 16 5.27 -15.51 -47.81
N ALA G 17 6.17 -14.80 -47.14
CA ALA G 17 7.25 -15.44 -46.40
C ALA G 17 6.70 -16.24 -45.24
N LYS G 18 7.36 -17.36 -44.93
CA LYS G 18 6.94 -18.22 -43.83
C LYS G 18 7.02 -17.47 -42.51
N ALA G 19 5.95 -17.58 -41.72
CA ALA G 19 5.81 -16.83 -40.48
C ALA G 19 6.84 -17.26 -39.43
N LYS G 20 7.48 -16.27 -38.82
CA LYS G 20 8.34 -16.49 -37.65
C LYS G 20 7.77 -15.75 -36.45
N SER G 21 7.68 -16.44 -35.31
CA SER G 21 7.21 -15.84 -34.08
C SER G 21 8.14 -14.71 -33.64
N ARG G 22 7.56 -13.66 -33.08
CA ARG G 22 8.34 -12.57 -32.55
C ARG G 22 9.18 -13.03 -31.36
N SER G 23 8.73 -14.06 -30.65
CA SER G 23 9.51 -14.62 -29.57
C SER G 23 10.82 -15.24 -30.09
N SER G 24 10.76 -15.90 -31.25
CA SER G 24 11.96 -16.47 -31.84
C SER G 24 12.84 -15.38 -32.46
N ARG G 25 12.24 -14.29 -32.92
CA ARG G 25 13.02 -13.15 -33.39
C ARG G 25 13.81 -12.51 -32.24
N ALA G 26 13.18 -12.42 -31.07
CA ALA G 26 13.84 -11.86 -29.89
C ALA G 26 14.59 -12.92 -29.08
N GLY G 27 14.46 -14.20 -29.45
CA GLY G 27 15.11 -15.28 -28.74
C GLY G 27 14.60 -15.47 -27.33
N LEU G 28 13.28 -15.49 -27.19
CA LEU G 28 12.62 -15.63 -25.90
C LEU G 28 11.73 -16.86 -25.87
N GLN G 29 11.35 -17.27 -24.66
CA GLN G 29 10.37 -18.33 -24.46
C GLN G 29 8.96 -17.77 -24.18
N PHE G 30 8.86 -16.58 -23.58
CA PHE G 30 7.57 -15.97 -23.31
C PHE G 30 6.96 -15.37 -24.58
N PRO G 31 5.63 -15.31 -24.67
CA PRO G 31 4.98 -14.90 -25.92
C PRO G 31 4.94 -13.38 -26.09
N VAL G 32 5.65 -12.88 -27.09
CA VAL G 32 5.64 -11.45 -27.36
C VAL G 32 4.28 -10.98 -27.89
N GLY G 33 3.66 -11.76 -28.77
CA GLY G 33 2.37 -11.41 -29.31
C GLY G 33 1.26 -11.32 -28.27
N ARG G 34 1.23 -12.28 -27.35
CA ARG G 34 0.24 -12.25 -26.29
C ARG G 34 0.44 -11.06 -25.36
N VAL G 35 1.69 -10.76 -25.03
CA VAL G 35 1.98 -9.61 -24.18
C VAL G 35 1.59 -8.31 -24.90
N HIS G 36 1.81 -8.26 -26.21
CA HIS G 36 1.38 -7.11 -27.00
C HIS G 36 -0.12 -6.93 -26.94
N ARG G 37 -0.87 -8.02 -27.10
CA ARG G 37 -2.34 -7.95 -27.02
C ARG G 37 -2.80 -7.51 -25.64
N LEU G 38 -2.19 -8.07 -24.59
CA LEU G 38 -2.58 -7.70 -23.23
C LEU G 38 -2.31 -6.24 -22.95
N LEU G 39 -1.20 -5.73 -23.46
CA LEU G 39 -0.91 -4.30 -23.35
C LEU G 39 -1.95 -3.45 -24.09
N ARG G 40 -2.30 -3.86 -25.31
CA ARG G 40 -3.26 -3.11 -26.11
C ARG G 40 -4.68 -3.11 -25.49
N LYS G 41 -5.07 -4.22 -24.87
CA LYS G 41 -6.41 -4.35 -24.32
C LYS G 41 -6.55 -3.89 -22.87
N GLY G 42 -5.43 -3.59 -22.20
CA GLY G 42 -5.47 -3.31 -20.77
C GLY G 42 -5.70 -1.87 -20.38
N ASN G 43 -5.94 -0.99 -21.37
CA ASN G 43 -6.19 0.43 -21.12
C ASN G 43 -5.01 1.08 -20.40
N TYR G 44 -3.81 0.85 -20.95
CA TYR G 44 -2.60 1.44 -20.38
C TYR G 44 -2.17 2.71 -21.11
N ALA G 45 -2.39 2.77 -22.41
CA ALA G 45 -2.21 4.00 -23.18
C ALA G 45 -2.92 3.88 -24.51
N GLU G 46 -2.93 4.97 -25.26
CA GLU G 46 -3.53 4.98 -26.59
C GLU G 46 -2.77 4.08 -27.58
N ARG G 47 -1.45 4.10 -27.52
CA ARG G 47 -0.61 3.38 -28.46
C ARG G 47 0.43 2.55 -27.71
N VAL G 48 0.89 1.47 -28.33
CA VAL G 48 1.95 0.64 -27.77
C VAL G 48 3.05 0.48 -28.81
N GLY G 49 4.28 0.80 -28.41
CA GLY G 49 5.42 0.69 -29.31
C GLY G 49 5.76 -0.76 -29.65
N ALA G 50 6.50 -0.93 -30.73
CA ALA G 50 6.88 -2.25 -31.19
C ALA G 50 7.82 -2.97 -30.24
N GLY G 51 8.65 -2.21 -29.53
CA GLY G 51 9.64 -2.80 -28.62
C GLY G 51 9.22 -2.95 -27.18
N ALA G 52 8.06 -2.44 -26.80
CA ALA G 52 7.59 -2.58 -25.43
C ALA G 52 7.26 -4.04 -25.05
N PRO G 53 6.48 -4.77 -25.88
CA PRO G 53 6.20 -6.16 -25.50
C PRO G 53 7.46 -7.04 -25.44
N VAL G 54 8.44 -6.77 -26.28
CA VAL G 54 9.68 -7.54 -26.28
C VAL G 54 10.44 -7.34 -24.97
N TYR G 55 10.57 -6.08 -24.56
CA TYR G 55 11.26 -5.75 -23.32
C TYR G 55 10.54 -6.37 -22.12
N LEU G 56 9.21 -6.24 -22.10
CA LEU G 56 8.45 -6.72 -20.96
C LEU G 56 8.50 -8.25 -20.87
N ALA G 57 8.41 -8.92 -22.01
CA ALA G 57 8.51 -10.37 -22.03
C ALA G 57 9.90 -10.85 -21.56
N ALA G 58 10.94 -10.14 -21.97
CA ALA G 58 12.28 -10.47 -21.53
C ALA G 58 12.43 -10.34 -20.01
N VAL G 59 11.89 -9.28 -19.45
CA VAL G 59 11.96 -9.07 -18.00
C VAL G 59 11.18 -10.16 -17.25
N LEU G 60 9.99 -10.46 -17.72
CA LEU G 60 9.17 -11.50 -17.07
C LEU G 60 9.87 -12.85 -17.10
N GLU G 61 10.47 -13.17 -18.25
CA GLU G 61 11.18 -14.44 -18.39
C GLU G 61 12.37 -14.50 -17.44
N TYR G 62 13.11 -13.40 -17.32
CA TYR G 62 14.26 -13.39 -16.41
C TYR G 62 13.83 -13.65 -14.95
N LEU G 63 12.78 -12.97 -14.51
CA LEU G 63 12.29 -13.17 -13.15
C LEU G 63 11.78 -14.61 -12.91
N THR G 64 11.08 -15.15 -13.89
CA THR G 64 10.63 -16.52 -13.81
C THR G 64 11.82 -17.48 -13.67
N ALA G 65 12.84 -17.29 -14.50
CA ALA G 65 14.02 -18.16 -14.45
C ALA G 65 14.71 -17.97 -13.12
N GLU G 66 14.75 -16.74 -12.63
CA GLU G 66 15.35 -16.46 -11.34
C GLU G 66 14.73 -17.32 -10.25
N ILE G 67 13.42 -17.18 -10.08
CA ILE G 67 12.71 -17.91 -9.03
C ILE G 67 12.78 -19.44 -9.22
N LEU G 68 12.63 -19.91 -10.45
CA LEU G 68 12.60 -21.33 -10.70
C LEU G 68 13.93 -22.01 -10.39
N GLU G 69 15.03 -21.35 -10.69
CA GLU G 69 16.34 -21.89 -10.34
C GLU G 69 16.49 -22.07 -8.83
N LEU G 70 16.13 -21.03 -8.06
CA LEU G 70 16.21 -21.13 -6.61
C LEU G 70 15.29 -22.21 -6.05
N ALA G 71 14.08 -22.31 -6.59
CA ALA G 71 13.13 -23.32 -6.14
C ALA G 71 13.60 -24.74 -6.48
N GLY G 72 14.22 -24.91 -7.63
CA GLY G 72 14.78 -26.21 -8.00
C GLY G 72 15.92 -26.62 -7.05
N ASN G 73 16.77 -25.66 -6.69
CA ASN G 73 17.79 -25.93 -5.69
C ASN G 73 17.17 -26.39 -4.37
N ALA G 74 16.13 -25.68 -3.93
CA ALA G 74 15.45 -26.04 -2.68
C ALA G 74 14.84 -27.43 -2.76
N ALA G 75 14.23 -27.75 -3.89
CA ALA G 75 13.62 -29.07 -4.07
C ALA G 75 14.65 -30.18 -4.05
N ARG G 76 15.82 -29.94 -4.66
CA ARG G 76 16.88 -30.95 -4.63
C ARG G 76 17.44 -31.11 -3.20
N ASP G 77 17.47 -30.04 -2.42
CA ASP G 77 17.95 -30.13 -1.05
C ASP G 77 17.12 -31.09 -0.20
N ASN G 78 15.79 -31.03 -0.34
CA ASN G 78 14.90 -31.93 0.39
C ASN G 78 14.74 -33.30 -0.30
N LYS G 79 15.55 -33.57 -1.33
CA LYS G 79 15.53 -34.84 -2.04
C LYS G 79 14.16 -35.14 -2.64
N LYS G 80 13.67 -34.21 -3.44
CA LYS G 80 12.42 -34.37 -4.19
C LYS G 80 12.62 -33.94 -5.63
N THR G 81 11.79 -34.48 -6.51
CA THR G 81 11.91 -34.25 -7.94
C THR G 81 11.00 -33.12 -8.43
N ARG G 82 9.82 -32.96 -7.84
CA ARG G 82 8.92 -31.88 -8.23
C ARG G 82 9.05 -30.67 -7.30
N ILE G 83 8.70 -29.51 -7.83
CA ILE G 83 8.59 -28.29 -7.05
C ILE G 83 7.15 -28.14 -6.54
N ILE G 84 7.02 -27.91 -5.24
CA ILE G 84 5.71 -27.66 -4.60
C ILE G 84 5.76 -26.24 -4.06
N PRO G 85 4.61 -25.68 -3.64
CA PRO G 85 4.63 -24.29 -3.11
C PRO G 85 5.57 -24.04 -1.94
N ARG G 86 5.85 -25.06 -1.15
CA ARG G 86 6.81 -24.93 -0.06
C ARG G 86 8.20 -24.52 -0.56
N HIS G 87 8.64 -25.15 -1.65
CA HIS G 87 9.94 -24.83 -2.22
C HIS G 87 9.99 -23.40 -2.75
N LEU G 88 8.91 -22.96 -3.37
CA LEU G 88 8.81 -21.57 -3.83
C LEU G 88 8.89 -20.61 -2.65
N GLN G 89 8.20 -20.93 -1.57
CA GLN G 89 8.22 -20.07 -0.39
C GLN G 89 9.63 -19.98 0.19
N LEU G 90 10.30 -21.11 0.33
CA LEU G 90 11.66 -21.11 0.85
C LEU G 90 12.61 -20.30 -0.04
N ALA G 91 12.49 -20.51 -1.35
CA ALA G 91 13.31 -19.75 -2.31
C ALA G 91 13.08 -18.24 -2.21
N ILE G 92 11.83 -17.83 -2.09
CA ILE G 92 11.51 -16.42 -2.01
C ILE G 92 12.03 -15.80 -0.71
N ARG G 93 11.81 -16.47 0.41
CA ARG G 93 12.15 -15.88 1.70
C ARG G 93 13.63 -15.97 2.05
N ASN G 94 14.37 -16.85 1.38
CA ASN G 94 15.82 -16.93 1.62
C ASN G 94 16.64 -16.02 0.70
N ASP G 95 15.99 -15.35 -0.26
CA ASP G 95 16.66 -14.41 -1.15
C ASP G 95 16.22 -13.00 -0.81
N GLU G 96 17.18 -12.12 -0.55
CA GLU G 96 16.89 -10.79 -0.02
C GLU G 96 16.07 -9.96 -1.01
N GLU G 97 16.47 -9.96 -2.27
CA GLU G 97 15.82 -9.13 -3.27
C GLU G 97 14.45 -9.67 -3.67
N LEU G 98 14.35 -10.98 -3.83
CA LEU G 98 13.04 -11.58 -4.09
C LEU G 98 12.11 -11.41 -2.89
N ASN G 99 12.65 -11.46 -1.68
CA ASN G 99 11.85 -11.21 -0.50
C ASN G 99 11.36 -9.76 -0.45
N LYS G 100 12.19 -8.83 -0.88
CA LYS G 100 11.78 -7.44 -0.93
C LYS G 100 10.73 -7.18 -2.00
N LEU G 101 10.89 -7.82 -3.15
CA LEU G 101 9.94 -7.66 -4.24
C LEU G 101 8.57 -8.24 -3.90
N LEU G 102 8.56 -9.38 -3.21
CA LEU G 102 7.31 -10.06 -2.84
C LEU G 102 7.06 -9.96 -1.34
N GLY G 103 7.32 -8.81 -0.75
CA GLY G 103 7.23 -8.66 0.69
C GLY G 103 5.81 -8.63 1.23
N ARG G 104 4.86 -8.23 0.40
CA ARG G 104 3.46 -8.13 0.82
C ARG G 104 2.60 -9.22 0.18
N VAL G 105 3.20 -10.36 -0.15
CA VAL G 105 2.53 -11.43 -0.88
C VAL G 105 2.46 -12.67 -0.02
N THR G 106 1.29 -13.32 -0.04
CA THR G 106 1.09 -14.58 0.64
C THR G 106 1.09 -15.69 -0.40
N ILE G 107 1.81 -16.77 -0.10
CA ILE G 107 1.87 -17.94 -0.98
C ILE G 107 1.12 -19.07 -0.29
N ALA G 108 0.12 -19.61 -0.99
CA ALA G 108 -0.73 -20.63 -0.41
C ALA G 108 0.05 -21.94 -0.21
N GLN G 109 -0.17 -22.59 0.93
CA GLN G 109 0.51 -23.83 1.28
C GLN G 109 2.04 -23.70 1.30
N GLY G 110 2.52 -22.52 1.65
CA GLY G 110 3.94 -22.22 1.66
C GLY G 110 4.61 -22.41 3.01
N GLY G 111 3.90 -22.16 4.09
CA GLY G 111 4.49 -22.22 5.41
C GLY G 111 5.32 -20.98 5.71
N VAL G 112 6.22 -21.13 6.68
CA VAL G 112 7.10 -20.06 7.11
C VAL G 112 8.52 -20.57 7.18
N LEU G 113 9.47 -19.65 7.30
CA LEU G 113 10.86 -20.02 7.52
C LEU G 113 11.05 -20.52 8.95
N PRO G 114 11.86 -21.57 9.14
CA PRO G 114 12.14 -22.05 10.48
C PRO G 114 13.06 -21.13 11.29
N ASN G 115 12.47 -20.18 12.01
CA ASN G 115 13.21 -19.29 12.88
C ASN G 115 12.72 -19.38 14.31
N ILE G 116 13.64 -19.56 15.26
CA ILE G 116 13.33 -19.49 16.69
C ILE G 116 14.24 -18.45 17.33
N GLN G 117 13.65 -17.57 18.14
CA GLN G 117 14.41 -16.52 18.83
C GLN G 117 15.44 -17.13 19.77
N ALA G 118 16.62 -16.51 19.83
CA ALA G 118 17.75 -17.06 20.58
C ALA G 118 17.50 -17.13 22.08
N VAL G 119 16.79 -16.14 22.62
CA VAL G 119 16.49 -16.10 24.04
C VAL G 119 15.55 -17.23 24.50
N LEU G 120 14.76 -17.78 23.58
CA LEU G 120 13.83 -18.85 23.93
C LEU G 120 14.50 -20.21 24.09
N LEU G 121 15.67 -20.39 23.50
CA LEU G 121 16.36 -21.68 23.59
C LEU G 121 16.84 -21.96 25.01
N PRO G 122 16.85 -23.24 25.43
CA PRO G 122 17.23 -23.56 26.80
C PRO G 122 18.67 -23.16 27.13
N LYS G 123 18.89 -22.86 28.40
CA LYS G 123 20.18 -22.34 28.86
C LYS G 123 21.29 -23.38 28.69
N LYS G 124 21.00 -24.63 29.04
CA LYS G 124 21.96 -25.72 28.89
C LYS G 124 21.36 -26.86 28.08
N LYS H 33 -23.52 -26.40 -29.72
CA LYS H 33 -23.26 -24.92 -29.72
C LYS H 33 -22.87 -24.41 -28.34
N ARG H 34 -23.28 -25.11 -27.28
CA ARG H 34 -22.94 -24.74 -25.93
C ARG H 34 -21.51 -25.18 -25.60
N LYS H 35 -20.56 -24.28 -25.85
CA LYS H 35 -19.14 -24.53 -25.61
C LYS H 35 -18.61 -23.49 -24.66
N ARG H 36 -17.86 -23.94 -23.65
CA ARG H 36 -17.29 -23.03 -22.66
C ARG H 36 -16.16 -22.21 -23.28
N SER H 37 -15.99 -21.00 -22.77
CA SER H 37 -14.90 -20.13 -23.19
C SER H 37 -13.59 -20.76 -22.74
N ARG H 38 -12.56 -20.59 -23.54
CA ARG H 38 -11.23 -21.07 -23.19
C ARG H 38 -10.54 -20.06 -22.27
N LYS H 39 -9.59 -20.54 -21.49
CA LYS H 39 -8.86 -19.72 -20.54
C LYS H 39 -7.37 -19.85 -20.82
N GLU H 40 -6.69 -18.72 -21.02
CA GLU H 40 -5.27 -18.72 -21.30
C GLU H 40 -4.45 -18.70 -20.01
N SER H 41 -3.19 -19.13 -20.11
CA SER H 41 -2.29 -19.14 -18.97
C SER H 41 -0.84 -19.07 -19.45
N TYR H 42 0.08 -19.04 -18.51
CA TYR H 42 1.51 -19.03 -18.79
C TYR H 42 2.18 -20.39 -18.54
N SER H 43 1.40 -21.46 -18.44
CA SER H 43 1.95 -22.74 -18.04
C SER H 43 2.99 -23.28 -19.03
N VAL H 44 2.74 -23.10 -20.31
CA VAL H 44 3.60 -23.66 -21.35
C VAL H 44 4.98 -23.01 -21.29
N TYR H 45 5.00 -21.70 -21.16
CA TYR H 45 6.23 -20.94 -21.18
C TYR H 45 7.01 -21.13 -19.87
N VAL H 46 6.30 -21.20 -18.76
CA VAL H 46 6.94 -21.48 -17.47
C VAL H 46 7.59 -22.86 -17.51
N TYR H 47 6.91 -23.83 -18.12
CA TYR H 47 7.49 -25.17 -18.26
C TYR H 47 8.73 -25.18 -19.16
N LYS H 48 8.70 -24.40 -20.23
CA LYS H 48 9.89 -24.25 -21.08
C LYS H 48 11.07 -23.68 -20.30
N VAL H 49 10.81 -22.63 -19.54
CA VAL H 49 11.87 -22.00 -18.76
C VAL H 49 12.42 -22.97 -17.70
N LEU H 50 11.52 -23.74 -17.09
CA LEU H 50 11.94 -24.74 -16.10
C LEU H 50 12.84 -25.78 -16.75
N LYS H 51 12.46 -26.25 -17.93
CA LYS H 51 13.28 -27.22 -18.63
C LYS H 51 14.59 -26.67 -19.08
N GLN H 52 14.70 -25.36 -19.17
CA GLN H 52 16.02 -24.76 -19.42
C GLN H 52 16.88 -24.72 -18.15
N VAL H 53 16.33 -24.16 -17.08
CA VAL H 53 17.11 -23.98 -15.84
C VAL H 53 17.43 -25.30 -15.14
N HIS H 54 16.44 -26.19 -15.04
CA HIS H 54 16.62 -27.49 -14.38
C HIS H 54 16.06 -28.57 -15.29
N PRO H 55 16.92 -29.26 -16.04
CA PRO H 55 16.43 -30.27 -16.99
C PRO H 55 15.62 -31.41 -16.38
N ASP H 56 15.93 -31.80 -15.15
CA ASP H 56 15.28 -32.95 -14.53
C ASP H 56 14.07 -32.63 -13.66
N THR H 57 14.02 -31.42 -13.13
CA THR H 57 12.98 -31.06 -12.18
C THR H 57 11.61 -30.91 -12.86
N GLY H 58 10.58 -31.38 -12.17
CA GLY H 58 9.20 -31.18 -12.55
C GLY H 58 8.51 -30.19 -11.64
N ILE H 59 7.25 -29.88 -11.94
CA ILE H 59 6.49 -28.91 -11.15
C ILE H 59 5.08 -29.42 -10.91
N SER H 60 4.57 -29.15 -9.71
CA SER H 60 3.22 -29.51 -9.30
C SER H 60 2.20 -28.52 -9.86
N SER H 61 0.95 -28.92 -9.87
CA SER H 61 -0.12 -28.05 -10.35
C SER H 61 -0.26 -26.78 -9.50
N LYS H 62 -0.18 -26.92 -8.18
CA LYS H 62 -0.31 -25.79 -7.29
C LYS H 62 0.83 -24.80 -7.48
N ALA H 63 2.04 -25.32 -7.65
CA ALA H 63 3.18 -24.45 -7.90
C ALA H 63 3.04 -23.70 -9.24
N MET H 64 2.48 -24.37 -10.24
CA MET H 64 2.24 -23.72 -11.51
C MET H 64 1.21 -22.59 -11.37
N GLY H 65 0.18 -22.82 -10.55
CA GLY H 65 -0.77 -21.76 -10.24
C GLY H 65 -0.10 -20.57 -9.58
N ILE H 66 0.79 -20.86 -8.65
CA ILE H 66 1.57 -19.81 -7.99
C ILE H 66 2.37 -19.00 -9.02
N MET H 67 3.02 -19.69 -9.96
CA MET H 67 3.81 -19.01 -10.97
C MET H 67 2.96 -18.15 -11.93
N ASN H 68 1.78 -18.64 -12.28
CA ASN H 68 0.87 -17.83 -13.09
C ASN H 68 0.44 -16.56 -12.36
N SER H 69 0.13 -16.70 -11.08
CA SER H 69 -0.21 -15.52 -10.27
C SER H 69 0.95 -14.53 -10.23
N PHE H 70 2.16 -15.04 -10.06
CA PHE H 70 3.35 -14.18 -9.98
C PHE H 70 3.56 -13.41 -11.29
N VAL H 71 3.42 -14.09 -12.41
CA VAL H 71 3.63 -13.44 -13.70
C VAL H 71 2.58 -12.34 -13.93
N ASN H 72 1.33 -12.65 -13.63
CA ASN H 72 0.27 -11.65 -13.78
C ASN H 72 0.48 -10.43 -12.86
N ASP H 73 0.92 -10.69 -11.64
CA ASP H 73 1.18 -9.61 -10.69
C ASP H 73 2.26 -8.67 -11.20
N ILE H 74 3.36 -9.25 -11.66
CA ILE H 74 4.48 -8.44 -12.13
C ILE H 74 4.11 -7.67 -13.39
N PHE H 75 3.38 -8.31 -14.29
CA PHE H 75 2.91 -7.65 -15.52
C PHE H 75 2.09 -6.42 -15.14
N GLU H 76 1.15 -6.59 -14.23
CA GLU H 76 0.27 -5.47 -13.87
C GLU H 76 1.07 -4.34 -13.23
N ARG H 77 1.99 -4.66 -12.33
CA ARG H 77 2.80 -3.64 -11.69
C ARG H 77 3.58 -2.81 -12.73
N ILE H 78 4.32 -3.49 -13.59
CA ILE H 78 5.15 -2.82 -14.58
C ILE H 78 4.30 -1.99 -15.58
N ALA H 79 3.22 -2.59 -16.06
CA ALA H 79 2.37 -1.91 -17.03
C ALA H 79 1.71 -0.66 -16.42
N GLY H 80 1.27 -0.75 -15.17
CA GLY H 80 0.70 0.40 -14.51
C GLY H 80 1.69 1.53 -14.34
N GLU H 81 2.90 1.19 -13.93
CA GLU H 81 3.92 2.22 -13.76
C GLU H 81 4.27 2.87 -15.11
N ALA H 82 4.36 2.08 -16.17
CA ALA H 82 4.62 2.63 -17.49
C ALA H 82 3.49 3.56 -17.94
N SER H 83 2.25 3.17 -17.68
CA SER H 83 1.11 4.02 -18.00
C SER H 83 1.20 5.38 -17.27
N ARG H 84 1.52 5.34 -15.99
CA ARG H 84 1.69 6.57 -15.22
C ARG H 84 2.83 7.44 -15.75
N LEU H 85 3.94 6.80 -16.12
CA LEU H 85 5.06 7.53 -16.68
C LEU H 85 4.67 8.23 -17.97
N ALA H 86 3.95 7.55 -18.83
CA ALA H 86 3.52 8.17 -20.08
C ALA H 86 2.56 9.34 -19.82
N HIS H 87 1.65 9.17 -18.86
CA HIS H 87 0.71 10.24 -18.56
C HIS H 87 1.39 11.47 -17.96
N TYR H 88 2.36 11.27 -17.08
CA TYR H 88 3.05 12.40 -16.46
C TYR H 88 3.73 13.30 -17.51
N ASN H 89 4.34 12.67 -18.51
CA ASN H 89 5.12 13.40 -19.51
C ASN H 89 4.33 13.66 -20.79
N LYS H 90 3.02 13.48 -20.75
CA LYS H 90 2.13 13.82 -21.85
C LYS H 90 2.52 13.11 -23.17
N ARG H 91 2.64 11.79 -23.08
CA ARG H 91 2.90 10.95 -24.22
C ARG H 91 1.76 9.97 -24.40
N SER H 92 1.46 9.63 -25.66
CA SER H 92 0.35 8.75 -25.98
C SER H 92 0.77 7.30 -26.15
N THR H 93 2.06 7.00 -26.09
CA THR H 93 2.58 5.70 -26.45
C THR H 93 3.39 5.13 -25.30
N ILE H 94 3.24 3.83 -25.06
CA ILE H 94 4.11 3.09 -24.14
C ILE H 94 5.23 2.46 -24.96
N THR H 95 6.45 2.93 -24.77
CA THR H 95 7.61 2.42 -25.48
C THR H 95 8.50 1.65 -24.54
N SER H 96 9.57 1.06 -25.06
CA SER H 96 10.51 0.32 -24.23
C SER H 96 11.24 1.21 -23.22
N ARG H 97 11.26 2.52 -23.47
CA ARG H 97 11.86 3.45 -22.53
C ARG H 97 11.04 3.57 -21.24
N GLU H 98 9.73 3.63 -21.39
CA GLU H 98 8.84 3.61 -20.22
C GLU H 98 8.95 2.30 -19.46
N ILE H 99 9.06 1.19 -20.19
CA ILE H 99 9.19 -0.11 -19.56
C ILE H 99 10.50 -0.18 -18.76
N GLN H 100 11.57 0.34 -19.32
CA GLN H 100 12.85 0.34 -18.64
C GLN H 100 12.81 1.18 -17.37
N THR H 101 12.22 2.36 -17.45
CA THR H 101 12.12 3.22 -16.28
C THR H 101 11.27 2.55 -15.20
N ALA H 102 10.17 1.93 -15.58
CA ALA H 102 9.32 1.23 -14.63
C ALA H 102 10.06 0.08 -13.96
N VAL H 103 10.84 -0.65 -14.74
CA VAL H 103 11.66 -1.75 -14.18
C VAL H 103 12.65 -1.20 -13.16
N ARG H 104 13.30 -0.10 -13.48
CA ARG H 104 14.26 0.51 -12.55
C ARG H 104 13.56 1.01 -11.27
N LEU H 105 12.34 1.50 -11.40
CA LEU H 105 11.60 1.98 -10.22
C LEU H 105 11.07 0.82 -9.34
N LEU H 106 10.70 -0.31 -9.93
CA LEU H 106 10.00 -1.36 -9.20
C LEU H 106 10.90 -2.45 -8.65
N LEU H 107 11.98 -2.75 -9.32
CA LEU H 107 12.79 -3.87 -8.85
C LEU H 107 13.90 -3.36 -7.94
N PRO H 108 14.34 -4.17 -6.97
CA PRO H 108 15.56 -3.87 -6.21
C PRO H 108 16.83 -3.92 -7.08
N GLY H 109 17.97 -3.63 -6.46
CA GLY H 109 19.21 -3.33 -7.17
C GLY H 109 19.68 -4.28 -8.26
N GLU H 110 20.19 -5.43 -7.84
CA GLU H 110 20.79 -6.38 -8.78
C GLU H 110 19.76 -6.97 -9.72
N LEU H 111 18.54 -7.20 -9.21
CA LEU H 111 17.44 -7.63 -10.06
C LEU H 111 17.17 -6.60 -11.16
N ALA H 112 17.13 -5.33 -10.80
CA ALA H 112 16.88 -4.29 -11.79
C ALA H 112 18.01 -4.25 -12.84
N LYS H 113 19.24 -4.34 -12.39
CA LYS H 113 20.38 -4.32 -13.32
C LYS H 113 20.30 -5.47 -14.34
N HIS H 114 20.08 -6.68 -13.83
CA HIS H 114 20.05 -7.85 -14.70
C HIS H 114 18.83 -7.84 -15.63
N ALA H 115 17.68 -7.40 -15.10
CA ALA H 115 16.48 -7.33 -15.92
C ALA H 115 16.65 -6.32 -17.05
N VAL H 116 17.26 -5.17 -16.74
CA VAL H 116 17.51 -4.17 -17.77
C VAL H 116 18.43 -4.74 -18.85
N SER H 117 19.49 -5.43 -18.42
CA SER H 117 20.39 -6.06 -19.38
C SER H 117 19.65 -7.05 -20.31
N GLU H 118 18.82 -7.90 -19.73
CA GLU H 118 18.06 -8.87 -20.52
C GLU H 118 17.09 -8.20 -21.50
N GLY H 119 16.39 -7.17 -21.03
CA GLY H 119 15.46 -6.41 -21.88
C GLY H 119 16.15 -5.75 -23.07
N THR H 120 17.27 -5.08 -22.81
CA THR H 120 18.00 -4.39 -23.88
C THR H 120 18.55 -5.39 -24.90
N LYS H 121 19.07 -6.51 -24.41
CA LYS H 121 19.58 -7.54 -25.31
C LYS H 121 18.47 -8.07 -26.20
N ALA H 122 17.30 -8.32 -25.60
CA ALA H 122 16.17 -8.87 -26.36
C ALA H 122 15.72 -7.91 -27.43
N VAL H 123 15.61 -6.63 -27.08
CA VAL H 123 15.15 -5.64 -28.05
C VAL H 123 16.17 -5.47 -29.18
N THR H 124 17.45 -5.46 -28.83
CA THR H 124 18.49 -5.35 -29.84
C THR H 124 18.45 -6.54 -30.81
N LYS H 125 18.31 -7.74 -30.26
CA LYS H 125 18.22 -8.94 -31.10
C LYS H 125 16.97 -8.90 -32.00
N TYR H 126 15.85 -8.44 -31.45
CA TYR H 126 14.60 -8.35 -32.21
C TYR H 126 14.73 -7.37 -33.38
N THR H 127 15.36 -6.22 -33.12
CA THR H 127 15.53 -5.23 -34.17
C THR H 127 16.55 -5.67 -35.22
N SER H 128 17.58 -6.40 -34.80
CA SER H 128 18.58 -6.90 -35.75
C SER H 128 18.02 -7.86 -36.80
N SER H 129 16.88 -8.49 -36.51
CA SER H 129 16.20 -9.31 -37.51
C SER H 129 15.18 -8.48 -38.29
N LYS H 130 15.64 -7.36 -38.83
CA LYS H 130 14.81 -6.41 -39.59
C LYS H 130 13.51 -6.00 -38.87
#